data_7SPA
#
_entry.id   7SPA
#
_cell.length_a   1.00
_cell.length_b   1.00
_cell.length_c   1.00
_cell.angle_alpha   90.00
_cell.angle_beta   90.00
_cell.angle_gamma   90.00
#
_symmetry.space_group_name_H-M   'P 1'
#
loop_
_entity.id
_entity.type
_entity.pdbx_description
1 polymer 'Nanobody 872'
2 polymer 'Nanobody 881'
3 polymer 'Hyaluronan synthase'
4 non-polymer 2-acetamido-2-deoxy-beta-D-glucopyranose
5 non-polymer 'CHOLESTEROL HEMISUCCINATE'
6 non-polymer 1,2-Distearoyl-sn-glycerophosphoethanolamine
#
loop_
_entity_poly.entity_id
_entity_poly.type
_entity_poly.pdbx_seq_one_letter_code
_entity_poly.pdbx_strand_id
1 'polypeptide(L)'
;QVQLVESGGGLVQAGGSLKVSCAASGRAFKTYRMAWFRQAPGKEREFVSGISALETTYYADSVKGRFTISRDNTKNTVSL
QMDSLKPEDTAVYYCAARRYGGTDYTTTGSYDYWGQGTQVTVSSHHHHHHEPEA
;
B
2 'polypeptide(L)'
;QVQLVESGGGLVQAGGSLRLACAASGRIFSSDTLAWFRRAPGKEREFVAASRWSGGGTDYADSVKGRFTFSRDNTRNTMC
LEMNSLKPEDTAVYYCALRTARDSYYYTRNPTGYDYWGQGTQVTVSSHHHHHHEPEA
;
C
3 'polypeptide(L)'
;MGTSWRTIVSANLFAVGGALLMLAPAIVGYVFQWNIGVSAVWGISVYGVFVLGFYIAQIVFSEFNRMRLSDWISLRPDNW
NATRVAVIIAGYREDPFMFKKCLESVRDSEYGNVARLICVIDGDEEEDLKMAEIYKQVYNDNVKKPGVVLCESENKNGST
IDSDVSKNICILQPHRGKRESLYTGFQLASMDPSVHAVVLIDSDTVLEKNAILEVVYPLSCDPNIKAVAGECKIWNTDTI
LSMLVSWRYFSAFNVERGAQSLWKTVQCVGGPLGAYTIDIINEIKDPWITQTFLGNKCTYGDNRRLTNEVLMRGKKIVYT
PFAVGWSDSPTNVMRYIVQQTRWSKSWCREIWYTLGSAWKHGFSGIYLAFECMYQIMYFFLVMYLFSYIAIKADIRAQTA
TVLVSTLVTIIKSSYLALRAKNLKAFYFVLYTYVYFFCMIPARITAMFTMFDIAWGTRGGNAKMTIGARVWLWAKQFLIT
YMWWAGVLAAGVYSIVDNWYFDWADIQYRFALVGICSYLVFVSIVLVIYLIGKITTWNYTPLQKELIEERYLHNASENAP
EVLEHHHHHH
;
A
#
# COMPACT_ATOMS: atom_id res chain seq x y z
N GLN A 1 13.31 12.87 -49.04
CA GLN A 1 13.32 13.31 -50.44
C GLN A 1 12.20 14.32 -50.69
N VAL A 2 12.56 15.60 -50.68
CA VAL A 2 11.61 16.69 -50.90
C VAL A 2 12.14 17.59 -52.00
N GLN A 3 11.25 18.06 -52.86
CA GLN A 3 11.60 18.96 -53.96
C GLN A 3 11.22 20.38 -53.57
N LEU A 4 12.20 21.29 -53.66
CA LEU A 4 12.01 22.68 -53.26
C LEU A 4 11.81 23.55 -54.49
N VAL A 5 10.77 24.38 -54.45
CA VAL A 5 10.47 25.31 -55.52
C VAL A 5 10.26 26.69 -54.91
N GLU A 6 10.52 27.73 -55.72
CA GLU A 6 10.43 29.10 -55.26
C GLU A 6 9.40 29.86 -56.08
N SER A 7 8.74 30.81 -55.42
CA SER A 7 7.73 31.65 -56.07
C SER A 7 7.67 32.98 -55.33
N GLY A 8 8.14 34.04 -55.99
CA GLY A 8 8.15 35.35 -55.40
C GLY A 8 9.25 36.19 -56.01
N GLY A 9 9.69 37.19 -55.25
CA GLY A 9 10.74 38.08 -55.71
C GLY A 9 10.22 39.12 -56.70
N GLY A 10 11.17 39.79 -57.34
CA GLY A 10 10.90 40.81 -58.32
C GLY A 10 11.75 42.04 -58.08
N LEU A 11 11.38 43.14 -58.73
CA LEU A 11 12.09 44.40 -58.61
C LEU A 11 11.38 45.26 -57.56
N VAL A 12 12.12 45.65 -56.52
CA VAL A 12 11.58 46.45 -55.44
C VAL A 12 12.53 47.62 -55.16
N GLN A 13 11.96 48.73 -54.72
CA GLN A 13 12.75 49.91 -54.38
C GLN A 13 13.46 49.68 -53.04
N ALA A 14 14.61 50.35 -52.89
CA ALA A 14 15.37 50.23 -51.65
C ALA A 14 14.57 50.75 -50.47
N GLY A 15 14.63 50.01 -49.37
CA GLY A 15 13.88 50.35 -48.17
C GLY A 15 12.49 49.77 -48.10
N GLY A 16 12.03 49.08 -49.15
CA GLY A 16 10.72 48.47 -49.16
C GLY A 16 10.73 47.08 -48.56
N SER A 17 9.56 46.44 -48.62
CA SER A 17 9.36 45.10 -48.09
C SER A 17 8.98 44.16 -49.23
N LEU A 18 9.66 43.01 -49.28
CA LEU A 18 9.40 42.00 -50.29
C LEU A 18 9.23 40.65 -49.61
N LYS A 19 8.33 39.83 -50.15
CA LYS A 19 8.00 38.53 -49.58
C LYS A 19 8.37 37.41 -50.56
N VAL A 20 9.00 36.38 -50.03
CA VAL A 20 9.36 35.19 -50.81
C VAL A 20 8.81 33.97 -50.09
N SER A 21 8.30 33.01 -50.87
CA SER A 21 7.73 31.79 -50.33
C SER A 21 8.30 30.58 -51.05
N CYS A 22 8.45 29.48 -50.32
CA CYS A 22 8.97 28.24 -50.86
C CYS A 22 8.00 27.11 -50.56
N ALA A 23 7.79 26.25 -51.55
CA ALA A 23 6.87 25.12 -51.43
C ALA A 23 7.65 23.82 -51.60
N ALA A 24 7.38 22.86 -50.72
CA ALA A 24 8.05 21.57 -50.73
C ALA A 24 7.03 20.45 -50.83
N SER A 25 7.37 19.41 -51.59
CA SER A 25 6.51 18.24 -51.75
C SER A 25 7.19 17.04 -51.11
N GLY A 26 6.46 16.36 -50.23
CA GLY A 26 7.02 15.21 -49.55
C GLY A 26 5.97 14.48 -48.74
N ARG A 27 6.44 13.58 -47.89
CA ARG A 27 5.56 12.78 -47.05
C ARG A 27 5.21 13.51 -45.76
N ALA A 28 6.23 13.90 -44.99
CA ALA A 28 6.05 14.60 -43.71
C ALA A 28 6.96 15.81 -43.69
N PHE A 29 6.42 16.97 -44.08
CA PHE A 29 7.20 18.20 -44.05
C PHE A 29 7.37 18.75 -42.64
N LYS A 30 6.57 18.29 -41.69
CA LYS A 30 6.62 18.78 -40.32
C LYS A 30 7.91 18.41 -39.59
N THR A 31 8.69 17.47 -40.14
CA THR A 31 9.87 16.95 -39.46
C THR A 31 11.16 17.30 -40.22
N TYR A 32 11.13 18.37 -41.01
CA TYR A 32 12.28 18.78 -41.80
C TYR A 32 12.74 20.17 -41.35
N ARG A 33 14.04 20.30 -41.11
CA ARG A 33 14.63 21.60 -40.81
C ARG A 33 14.78 22.42 -42.07
N MET A 34 14.47 23.71 -41.98
CA MET A 34 14.44 24.59 -43.14
C MET A 34 15.44 25.72 -42.95
N ALA A 35 16.00 26.19 -44.06
CA ALA A 35 17.01 27.25 -44.01
C ALA A 35 16.99 28.02 -45.33
N TRP A 36 17.57 29.22 -45.29
CA TRP A 36 17.64 30.10 -46.44
C TRP A 36 19.08 30.52 -46.70
N PHE A 37 19.44 30.56 -47.98
CA PHE A 37 20.77 31.00 -48.39
C PHE A 37 20.64 31.91 -49.60
N ARG A 38 21.62 32.79 -49.77
CA ARG A 38 21.66 33.72 -50.90
C ARG A 38 23.02 33.64 -51.58
N GLN A 39 23.01 33.74 -52.91
CA GLN A 39 24.22 33.68 -53.71
C GLN A 39 24.51 35.06 -54.29
N ALA A 40 25.51 35.74 -53.75
CA ALA A 40 25.94 37.01 -54.30
C ALA A 40 26.64 36.79 -55.64
N PRO A 41 26.58 37.77 -56.54
CA PRO A 41 27.24 37.59 -57.85
C PRO A 41 28.73 37.36 -57.76
N GLY A 42 29.40 37.94 -56.78
CA GLY A 42 30.84 37.80 -56.66
C GLY A 42 31.30 37.09 -55.40
N LYS A 43 30.37 36.66 -54.57
CA LYS A 43 30.67 36.01 -53.30
C LYS A 43 30.08 34.61 -53.26
N GLU A 44 30.20 33.97 -52.10
CA GLU A 44 29.71 32.61 -51.88
C GLU A 44 28.63 32.65 -50.81
N ARG A 45 27.73 31.67 -50.85
CA ARG A 45 26.53 31.70 -50.02
C ARG A 45 26.87 31.68 -48.54
N GLU A 46 26.14 32.49 -47.77
CA GLU A 46 26.23 32.51 -46.33
C GLU A 46 24.86 32.28 -45.72
N PHE A 47 24.84 31.69 -44.53
CA PHE A 47 23.59 31.46 -43.83
C PHE A 47 23.02 32.79 -43.33
N VAL A 48 21.74 33.04 -43.63
CA VAL A 48 21.08 34.28 -43.26
C VAL A 48 19.92 34.05 -42.31
N SER A 49 19.15 32.98 -42.51
CA SER A 49 18.00 32.69 -41.66
C SER A 49 17.61 31.24 -41.83
N GLY A 50 17.21 30.61 -40.72
CA GLY A 50 16.78 29.23 -40.75
C GLY A 50 15.86 28.93 -39.59
N ILE A 51 14.93 28.00 -39.81
CA ILE A 51 13.97 27.60 -38.81
C ILE A 51 13.95 26.08 -38.72
N SER A 52 13.97 25.56 -37.49
CA SER A 52 13.96 24.12 -37.28
C SER A 52 12.52 23.61 -37.15
N ALA A 53 12.39 22.30 -36.91
CA ALA A 53 11.07 21.70 -36.77
C ALA A 53 10.37 22.13 -35.49
N LEU A 54 11.11 22.64 -34.51
CA LEU A 54 10.55 23.08 -33.24
C LEU A 54 10.33 24.58 -33.18
N GLU A 55 10.16 25.23 -34.33
CA GLU A 55 9.89 26.67 -34.41
C GLU A 55 10.99 27.50 -33.77
N THR A 56 12.24 27.07 -33.92
CA THR A 56 13.39 27.82 -33.42
C THR A 56 13.93 28.71 -34.53
N THR A 57 14.11 30.00 -34.23
CA THR A 57 14.52 30.98 -35.21
C THR A 57 15.98 31.34 -35.01
N TYR A 58 16.75 31.33 -36.10
CA TYR A 58 18.17 31.67 -36.08
C TYR A 58 18.43 32.77 -37.08
N TYR A 59 19.12 33.83 -36.65
CA TYR A 59 19.48 34.94 -37.51
C TYR A 59 20.91 35.36 -37.22
N ALA A 60 21.52 36.02 -38.21
CA ALA A 60 22.87 36.53 -38.06
C ALA A 60 23.07 37.70 -39.02
N ASP A 61 24.01 38.58 -38.67
CA ASP A 61 24.36 39.75 -39.47
C ASP A 61 23.15 40.65 -39.69
N SER A 62 22.65 41.21 -38.58
CA SER A 62 21.58 42.20 -38.53
C SER A 62 20.22 41.64 -38.97
N VAL A 63 20.13 40.35 -39.31
CA VAL A 63 18.85 39.76 -39.68
C VAL A 63 17.93 39.61 -38.48
N LYS A 64 18.48 39.66 -37.26
CA LYS A 64 17.67 39.46 -36.06
C LYS A 64 16.55 40.50 -35.97
N GLY A 65 16.88 41.76 -36.22
CA GLY A 65 15.90 42.83 -36.17
C GLY A 65 15.43 43.33 -37.52
N ARG A 66 15.72 42.62 -38.61
CA ARG A 66 15.35 43.06 -39.94
C ARG A 66 14.43 42.08 -40.65
N PHE A 67 14.75 40.79 -40.64
CA PHE A 67 13.97 39.78 -41.35
C PHE A 67 13.30 38.84 -40.36
N THR A 68 12.18 38.27 -40.78
CA THR A 68 11.41 37.33 -39.96
C THR A 68 11.12 36.09 -40.80
N ILE A 69 11.32 34.92 -40.19
CA ILE A 69 11.10 33.64 -40.87
C ILE A 69 10.00 32.88 -40.14
N SER A 70 9.12 32.26 -40.91
CA SER A 70 8.03 31.47 -40.35
C SER A 70 7.65 30.39 -41.35
N ARG A 71 7.01 29.33 -40.83
CA ARG A 71 6.58 28.21 -41.65
C ARG A 71 5.15 27.83 -41.28
N ASP A 72 4.41 27.33 -42.28
CA ASP A 72 3.04 26.89 -42.10
C ASP A 72 2.97 25.42 -42.47
N ASN A 73 2.72 24.56 -41.48
CA ASN A 73 2.67 23.13 -41.73
C ASN A 73 1.39 22.72 -42.46
N THR A 74 0.30 23.45 -42.22
CA THR A 74 -0.97 23.10 -42.86
C THR A 74 -0.89 23.26 -44.38
N LYS A 75 -0.27 24.34 -44.85
CA LYS A 75 -0.13 24.58 -46.28
C LYS A 75 1.12 23.94 -46.87
N ASN A 76 1.97 23.32 -46.04
CA ASN A 76 3.21 22.68 -46.50
C ASN A 76 4.07 23.66 -47.29
N THR A 77 4.29 24.84 -46.71
CA THR A 77 5.08 25.88 -47.35
C THR A 77 5.79 26.70 -46.28
N VAL A 78 6.85 27.38 -46.70
CA VAL A 78 7.63 28.23 -45.82
C VAL A 78 7.86 29.57 -46.53
N SER A 79 7.77 30.66 -45.75
CA SER A 79 7.96 32.01 -46.28
C SER A 79 8.92 32.77 -45.39
N LEU A 80 9.68 33.68 -46.00
CA LEU A 80 10.65 34.51 -45.28
C LEU A 80 10.28 35.97 -45.49
N GLN A 81 9.83 36.63 -44.43
CA GLN A 81 9.47 38.03 -44.49
C GLN A 81 10.73 38.89 -44.49
N MET A 82 10.80 39.83 -45.43
CA MET A 82 11.93 40.75 -45.54
C MET A 82 11.42 42.18 -45.52
N ASP A 83 11.97 42.99 -44.61
CA ASP A 83 11.59 44.38 -44.47
C ASP A 83 12.84 45.26 -44.55
N SER A 84 12.69 46.43 -45.15
CA SER A 84 13.77 47.41 -45.27
C SER A 84 14.98 46.81 -46.00
N LEU A 85 14.76 46.45 -47.26
CA LEU A 85 15.84 45.89 -48.08
C LEU A 85 16.87 46.95 -48.42
N LYS A 86 18.07 46.50 -48.77
CA LYS A 86 19.19 47.37 -49.07
C LYS A 86 19.75 47.02 -50.44
N PRO A 87 20.36 48.00 -51.13
CA PRO A 87 20.88 47.72 -52.48
C PRO A 87 21.93 46.62 -52.53
N GLU A 88 22.75 46.49 -51.49
CA GLU A 88 23.78 45.45 -51.48
C GLU A 88 23.24 44.07 -51.14
N ASP A 89 21.97 43.96 -50.79
CA ASP A 89 21.35 42.66 -50.52
C ASP A 89 20.85 41.97 -51.78
N THR A 90 21.01 42.58 -52.94
CA THR A 90 20.56 41.99 -54.20
C THR A 90 21.32 40.71 -54.51
N ALA A 91 20.62 39.58 -54.46
CA ALA A 91 21.23 38.29 -54.76
C ALA A 91 20.12 37.27 -55.00
N VAL A 92 20.49 36.17 -55.64
CA VAL A 92 19.57 35.06 -55.85
C VAL A 92 19.57 34.18 -54.61
N TYR A 93 18.37 33.75 -54.21
CA TYR A 93 18.17 33.04 -52.96
C TYR A 93 17.81 31.58 -53.24
N TYR A 94 18.52 30.66 -52.59
CA TYR A 94 18.20 29.24 -52.61
C TYR A 94 17.79 28.78 -51.21
N CYS A 95 16.77 27.93 -51.14
CA CYS A 95 16.31 27.37 -49.89
C CYS A 95 16.89 25.97 -49.70
N ALA A 96 17.11 25.60 -48.44
CA ALA A 96 17.71 24.33 -48.09
C ALA A 96 16.86 23.60 -47.06
N ALA A 97 16.90 22.27 -47.13
CA ALA A 97 16.16 21.42 -46.20
C ALA A 97 17.08 20.33 -45.67
N ARG A 98 16.80 19.88 -44.45
CA ARG A 98 17.60 18.85 -43.81
C ARG A 98 16.74 18.07 -42.83
N ARG A 99 17.00 16.77 -42.73
CA ARG A 99 16.31 15.89 -41.80
C ARG A 99 17.20 15.42 -40.65
N TYR A 100 18.45 15.04 -40.93
CA TYR A 100 19.41 14.65 -39.92
C TYR A 100 20.64 15.53 -40.03
N GLY A 101 21.12 16.01 -38.88
CA GLY A 101 22.30 16.87 -38.87
C GLY A 101 22.80 17.06 -37.46
N GLY A 102 23.95 17.71 -37.37
CA GLY A 102 24.58 17.97 -36.09
C GLY A 102 24.62 19.45 -35.73
N THR A 103 25.71 19.87 -35.07
CA THR A 103 25.84 21.28 -34.69
C THR A 103 25.99 22.19 -35.90
N ASP A 104 26.60 21.68 -36.98
CA ASP A 104 26.82 22.49 -38.17
C ASP A 104 25.50 22.75 -38.88
N TYR A 105 25.15 24.03 -39.03
CA TYR A 105 23.92 24.40 -39.74
C TYR A 105 24.11 25.59 -40.66
N THR A 106 25.35 26.06 -40.88
CA THR A 106 25.61 27.20 -41.72
C THR A 106 26.29 26.84 -43.04
N THR A 107 27.08 25.79 -43.08
CA THR A 107 27.75 25.39 -44.31
C THR A 107 26.74 24.81 -45.30
N THR A 108 27.06 24.94 -46.59
CA THR A 108 26.17 24.44 -47.63
C THR A 108 26.12 22.92 -47.65
N GLY A 109 27.21 22.25 -47.24
CA GLY A 109 27.23 20.80 -47.24
C GLY A 109 26.44 20.16 -46.12
N SER A 110 26.04 20.93 -45.11
CA SER A 110 25.23 20.37 -44.04
C SER A 110 23.85 19.94 -44.53
N TYR A 111 23.25 20.73 -45.42
CA TYR A 111 21.93 20.44 -45.96
C TYR A 111 22.06 19.61 -47.23
N ASP A 112 21.28 18.53 -47.30
CA ASP A 112 21.32 17.60 -48.43
C ASP A 112 20.28 17.91 -49.50
N TYR A 113 19.52 18.98 -49.34
CA TYR A 113 18.47 19.34 -50.30
C TYR A 113 18.60 20.80 -50.69
N TRP A 114 18.28 21.10 -51.94
CA TRP A 114 18.35 22.44 -52.47
C TRP A 114 17.26 22.63 -53.51
N GLY A 115 16.95 23.90 -53.81
CA GLY A 115 15.93 24.23 -54.77
C GLY A 115 16.52 24.99 -55.95
N GLN A 116 15.65 25.25 -56.93
CA GLN A 116 16.08 25.98 -58.12
C GLN A 116 16.45 27.42 -57.78
N GLY A 117 15.71 28.05 -56.87
CA GLY A 117 16.02 29.39 -56.43
C GLY A 117 15.31 30.49 -57.19
N THR A 118 15.04 31.60 -56.52
CA THR A 118 14.41 32.77 -57.13
C THR A 118 15.34 33.97 -57.00
N GLN A 119 15.27 34.85 -58.00
CA GLN A 119 16.14 36.01 -58.06
C GLN A 119 15.44 37.21 -57.45
N VAL A 120 16.12 37.89 -56.52
CA VAL A 120 15.59 39.06 -55.83
C VAL A 120 16.56 40.21 -56.07
N THR A 121 16.03 41.34 -56.54
CA THR A 121 16.84 42.53 -56.82
C THR A 121 16.26 43.72 -56.07
N VAL A 122 17.15 44.65 -55.70
CA VAL A 122 16.80 45.86 -54.99
C VAL A 122 17.25 47.05 -55.81
N SER A 123 16.33 47.98 -56.06
CA SER A 123 16.64 49.18 -56.84
C SER A 123 16.84 50.38 -55.94
N GLN B 1 6.23 -31.25 25.77
CA GLN B 1 7.20 -30.65 24.86
C GLN B 1 8.29 -29.92 25.62
N VAL B 2 7.92 -29.32 26.74
CA VAL B 2 8.84 -28.53 27.56
C VAL B 2 9.18 -29.31 28.82
N GLN B 3 10.40 -29.11 29.32
CA GLN B 3 10.87 -29.74 30.55
C GLN B 3 11.41 -28.67 31.48
N LEU B 4 11.12 -28.82 32.78
CA LEU B 4 11.53 -27.85 33.78
C LEU B 4 12.58 -28.48 34.69
N VAL B 5 13.72 -27.82 34.82
CA VAL B 5 14.81 -28.27 35.67
C VAL B 5 15.17 -27.14 36.63
N GLU B 6 15.22 -27.46 37.93
CA GLU B 6 15.51 -26.45 38.94
C GLU B 6 16.99 -26.46 39.33
N SER B 7 17.38 -25.54 40.21
CA SER B 7 18.76 -25.46 40.67
C SER B 7 18.83 -24.68 41.98
N GLY B 8 19.82 -24.98 42.81
CA GLY B 8 20.00 -24.30 44.08
C GLY B 8 19.25 -24.99 45.20
N GLY B 9 19.65 -24.66 46.42
CA GLY B 9 19.05 -25.23 47.61
C GLY B 9 20.09 -25.38 48.71
N GLY B 10 19.88 -26.39 49.54
CA GLY B 10 20.77 -26.70 50.64
C GLY B 10 20.17 -26.31 51.98
N LEU B 11 20.86 -26.74 53.03
CA LEU B 11 20.45 -26.47 54.40
C LEU B 11 21.07 -25.16 54.87
N VAL B 12 20.23 -24.18 55.15
CA VAL B 12 20.66 -22.84 55.56
C VAL B 12 19.91 -22.44 56.81
N GLN B 13 20.63 -21.84 57.76
CA GLN B 13 20.03 -21.36 58.99
C GLN B 13 19.06 -20.23 58.68
N ALA B 14 18.18 -19.93 59.65
CA ALA B 14 17.14 -18.93 59.45
C ALA B 14 17.71 -17.56 59.11
N GLY B 15 18.96 -17.30 59.46
CA GLY B 15 19.60 -16.06 59.06
C GLY B 15 20.36 -16.18 57.76
N GLY B 16 19.75 -15.76 56.66
CA GLY B 16 20.39 -15.85 55.36
C GLY B 16 19.37 -15.70 54.26
N SER B 17 19.84 -15.90 53.03
CA SER B 17 19.01 -15.78 51.84
C SER B 17 19.35 -16.91 50.88
N LEU B 18 18.35 -17.33 50.11
CA LEU B 18 18.50 -18.39 49.12
C LEU B 18 17.91 -17.93 47.79
N ARG B 19 18.45 -18.49 46.70
CA ARG B 19 17.98 -18.19 45.36
C ARG B 19 17.68 -19.50 44.63
N LEU B 20 16.48 -19.61 44.08
CA LEU B 20 16.06 -20.78 43.32
C LEU B 20 15.79 -20.37 41.88
N ALA B 21 16.35 -21.13 40.93
CA ALA B 21 16.21 -20.85 39.51
C ALA B 21 15.53 -22.02 38.82
N CYS B 22 14.51 -21.72 38.03
CA CYS B 22 13.81 -22.72 37.22
C CYS B 22 14.08 -22.44 35.75
N ALA B 23 14.57 -23.45 35.03
CA ALA B 23 14.94 -23.31 33.63
C ALA B 23 14.07 -24.21 32.76
N ALA B 24 13.84 -23.78 31.53
CA ALA B 24 13.04 -24.51 30.57
C ALA B 24 13.76 -24.59 29.24
N SER B 25 13.47 -25.65 28.48
CA SER B 25 14.07 -25.88 27.17
C SER B 25 12.95 -26.11 26.16
N GLY B 26 12.57 -25.05 25.45
CA GLY B 26 11.52 -25.13 24.47
C GLY B 26 10.86 -23.77 24.30
N ARG B 27 9.70 -23.79 23.64
CA ARG B 27 8.91 -22.60 23.40
C ARG B 27 7.68 -22.61 24.30
N ILE B 28 7.47 -21.51 25.02
CA ILE B 28 6.34 -21.38 25.92
C ILE B 28 5.34 -20.33 25.42
N PHE B 29 5.55 -19.79 24.22
CA PHE B 29 4.63 -18.87 23.55
C PHE B 29 4.45 -17.56 24.29
N SER B 30 5.20 -17.33 25.37
CA SER B 30 5.14 -16.11 26.16
C SER B 30 3.75 -15.82 26.71
N SER B 31 2.92 -16.86 26.87
CA SER B 31 1.57 -16.69 27.39
C SER B 31 1.22 -17.66 28.52
N ASP B 32 1.99 -18.72 28.73
CA ASP B 32 1.69 -19.65 29.80
C ASP B 32 1.99 -19.02 31.16
N THR B 33 1.30 -19.51 32.18
CA THR B 33 1.44 -19.00 33.54
C THR B 33 2.45 -19.87 34.30
N LEU B 34 3.42 -19.22 34.93
CA LEU B 34 4.45 -19.89 35.72
C LEU B 34 4.17 -19.66 37.19
N ALA B 35 4.14 -20.73 37.97
CA ALA B 35 3.82 -20.66 39.39
C ALA B 35 4.86 -21.43 40.19
N TRP B 36 4.87 -21.18 41.50
CA TRP B 36 5.77 -21.83 42.43
C TRP B 36 4.98 -22.41 43.59
N PHE B 37 5.45 -23.56 44.10
CA PHE B 37 4.84 -24.22 45.23
C PHE B 37 5.91 -24.57 46.25
N ARG B 38 5.50 -24.61 47.53
CA ARG B 38 6.44 -24.81 48.62
C ARG B 38 6.47 -26.27 49.10
N ARG B 39 5.33 -26.79 49.53
CA ARG B 39 5.25 -28.14 50.10
C ARG B 39 4.80 -29.14 49.05
N ALA B 40 5.28 -30.37 49.18
CA ALA B 40 4.91 -31.44 48.27
C ALA B 40 3.48 -31.91 48.53
N GLY B 42 3.81 -32.86 55.67
CA GLY B 42 2.89 -33.75 55.01
C GLY B 42 1.53 -33.14 54.75
N LYS B 43 1.50 -32.11 53.92
CA LYS B 43 0.27 -31.40 53.57
C LYS B 43 0.22 -31.19 52.07
N GLU B 44 -0.97 -30.80 51.60
CA GLU B 44 -1.18 -30.57 50.18
C GLU B 44 -0.37 -29.35 49.72
N ARG B 45 -0.01 -29.35 48.44
CA ARG B 45 0.76 -28.25 47.87
C ARG B 45 -0.03 -26.95 47.97
N GLU B 46 0.65 -25.89 48.38
CA GLU B 46 0.04 -24.58 48.56
C GLU B 46 0.70 -23.55 47.64
N PHE B 47 -0.09 -22.58 47.22
CA PHE B 47 0.40 -21.54 46.31
C PHE B 47 1.43 -20.66 47.00
N VAL B 48 2.42 -20.22 46.22
CA VAL B 48 3.47 -19.35 46.74
C VAL B 48 3.49 -18.05 45.94
N ALA B 49 3.76 -18.14 44.64
CA ALA B 49 3.84 -16.97 43.79
C ALA B 49 3.71 -17.40 42.34
N ALA B 50 3.11 -16.52 41.53
CA ALA B 50 2.96 -16.78 40.10
C ALA B 50 2.93 -15.45 39.36
N SER B 51 3.24 -15.52 38.07
CA SER B 51 3.25 -14.34 37.20
C SER B 51 3.27 -14.79 35.75
N ARG B 52 2.52 -14.10 34.91
CA ARG B 52 2.53 -14.40 33.48
C ARG B 52 3.86 -14.01 32.86
N TRP B 53 4.22 -14.72 31.79
CA TRP B 53 5.49 -14.46 31.12
C TRP B 53 5.54 -13.05 30.53
N SER B 54 4.41 -12.61 29.96
CA SER B 54 4.37 -11.27 29.36
C SER B 54 4.56 -10.19 30.41
N GLY B 55 3.92 -10.34 31.57
CA GLY B 55 4.04 -9.36 32.62
C GLY B 55 3.12 -9.69 33.78
N GLY B 56 3.08 -8.78 34.75
CA GLY B 56 2.26 -8.94 35.92
C GLY B 56 2.92 -9.77 37.00
N GLY B 57 2.19 -9.93 38.10
CA GLY B 57 2.69 -10.70 39.23
C GLY B 57 1.74 -10.67 40.42
N THR B 58 1.58 -11.82 41.07
CA THR B 58 0.69 -11.95 42.23
C THR B 58 1.42 -12.63 43.37
N ASP B 59 1.03 -12.30 44.59
CA ASP B 59 1.60 -12.87 45.81
C ASP B 59 0.54 -13.69 46.54
N TYR B 60 0.89 -14.16 47.74
CA TYR B 60 0.00 -14.98 48.57
C TYR B 60 -0.45 -16.23 47.84
N LYS B 65 2.51 -10.40 49.70
CA LYS B 65 3.65 -10.89 50.47
C LYS B 65 4.56 -9.74 50.90
N GLY B 66 5.14 -9.06 49.92
CA GLY B 66 6.07 -7.98 50.21
C GLY B 66 7.46 -8.42 50.61
N ARG B 67 7.74 -9.71 50.56
CA ARG B 67 9.04 -10.24 50.95
C ARG B 67 9.72 -11.04 49.85
N PHE B 68 8.95 -11.78 49.06
CA PHE B 68 9.48 -12.58 47.96
C PHE B 68 9.08 -11.93 46.63
N THR B 69 10.05 -11.73 45.76
CA THR B 69 9.83 -11.11 44.46
C THR B 69 10.14 -12.08 43.33
N PHE B 70 9.46 -11.91 42.21
CA PHE B 70 9.63 -12.76 41.04
C PHE B 70 10.36 -11.99 39.96
N SER B 71 11.40 -12.61 39.40
CA SER B 71 12.23 -11.99 38.37
C SER B 71 12.38 -12.94 37.18
N ARG B 72 12.42 -12.35 35.99
CA ARG B 72 12.56 -13.11 34.75
C ARG B 72 13.58 -12.45 33.85
N ASP B 73 14.45 -13.26 33.24
CA ASP B 73 15.39 -12.73 32.27
C ASP B 73 14.71 -12.43 30.93
N ASN B 74 13.74 -13.26 30.54
CA ASN B 74 12.96 -13.16 29.31
C ASN B 74 13.80 -13.35 28.06
N THR B 75 15.07 -13.68 28.17
CA THR B 75 15.94 -13.89 27.01
C THR B 75 16.52 -15.30 26.96
N ARG B 76 16.99 -15.84 28.08
CA ARG B 76 17.58 -17.16 28.13
C ARG B 76 16.63 -18.22 28.67
N ASN B 77 15.34 -17.89 28.82
CA ASN B 77 14.34 -18.82 29.34
C ASN B 77 14.72 -19.36 30.70
N THR B 78 15.27 -18.49 31.56
CA THR B 78 15.67 -18.84 32.90
C THR B 78 14.98 -17.93 33.89
N MET B 79 14.39 -18.51 34.93
CA MET B 79 13.67 -17.77 35.94
C MET B 79 14.48 -17.74 37.24
N CYS B 80 14.10 -16.83 38.13
CA CYS B 80 14.75 -16.70 39.42
C CYS B 80 13.72 -16.23 40.44
N LEU B 81 13.92 -16.66 41.69
CA LEU B 81 13.05 -16.24 42.79
C LEU B 81 13.87 -16.37 44.07
N GLU B 82 14.37 -15.24 44.55
CA GLU B 82 15.18 -15.21 45.77
C GLU B 82 14.31 -14.92 46.98
N MET B 83 14.77 -15.39 48.14
CA MET B 83 14.06 -15.25 49.40
C MET B 83 14.85 -14.34 50.33
N ASN B 84 14.17 -13.33 50.89
CA ASN B 84 14.77 -12.43 51.86
C ASN B 84 14.32 -12.85 53.25
N SER B 85 15.30 -13.21 54.10
CA SER B 85 15.07 -13.70 55.46
C SER B 85 14.35 -15.05 55.45
N LEU B 86 14.54 -15.83 56.51
CA LEU B 86 13.97 -17.17 56.60
C LEU B 86 13.22 -17.34 57.90
N LYS B 87 12.29 -18.29 57.90
CA LYS B 87 11.50 -18.69 59.05
C LYS B 87 11.63 -20.19 59.25
N PRO B 88 11.38 -20.69 60.47
CA PRO B 88 11.52 -22.14 60.70
C PRO B 88 10.55 -22.99 59.89
N GLU B 89 9.46 -22.42 59.39
CA GLU B 89 8.40 -23.20 58.76
C GLU B 89 8.38 -23.10 57.23
N ASP B 90 9.38 -22.47 56.62
CA ASP B 90 9.39 -22.32 55.16
C ASP B 90 10.24 -23.38 54.46
N THR B 91 10.81 -24.32 55.20
CA THR B 91 11.70 -25.32 54.64
C THR B 91 10.87 -26.45 54.05
N ALA B 92 10.89 -26.60 52.74
CA ALA B 92 10.13 -27.63 52.05
C ALA B 92 10.72 -27.81 50.65
N VAL B 93 10.20 -28.81 49.93
CA VAL B 93 10.69 -29.14 48.60
C VAL B 93 9.94 -28.26 47.60
N TYR B 94 10.58 -27.17 47.19
CA TYR B 94 9.97 -26.25 46.24
C TYR B 94 9.83 -26.88 44.87
N TYR B 95 8.75 -26.53 44.17
CA TYR B 95 8.46 -27.08 42.86
C TYR B 95 8.18 -25.96 41.86
N CYS B 96 8.50 -26.22 40.60
CA CYS B 96 8.28 -25.29 39.51
C CYS B 96 7.06 -25.74 38.71
N ALA B 97 6.09 -24.84 38.56
CA ALA B 97 4.80 -25.16 37.98
C ALA B 97 4.59 -24.42 36.68
N LEU B 98 3.93 -25.08 35.72
CA LEU B 98 3.57 -24.49 34.43
C LEU B 98 2.11 -24.79 34.15
N ARG B 99 1.38 -23.78 33.66
CA ARG B 99 -0.01 -23.91 33.29
C ARG B 99 -0.16 -23.65 31.80
N THR B 100 -0.90 -24.53 31.12
CA THR B 100 -1.11 -24.39 29.68
C THR B 100 -2.35 -23.54 29.43
N ALA B 101 -2.21 -22.55 28.55
CA ALA B 101 -3.29 -21.65 28.22
C ALA B 101 -4.13 -22.12 27.04
N ARG B 102 -3.84 -23.30 26.49
CA ARG B 102 -4.62 -23.82 25.37
C ARG B 102 -6.06 -24.10 25.79
N ASP B 103 -6.25 -24.69 26.97
CA ASP B 103 -7.60 -25.02 27.42
C ASP B 103 -8.41 -23.76 27.72
N SER B 104 -7.83 -22.84 28.48
CA SER B 104 -8.54 -21.62 28.86
C SER B 104 -7.52 -20.55 29.20
N TYR B 105 -7.98 -19.29 29.16
CA TYR B 105 -7.14 -18.14 29.47
C TYR B 105 -7.27 -17.66 30.91
N TYR B 106 -8.20 -18.22 31.69
CA TYR B 106 -8.36 -17.80 33.07
C TYR B 106 -7.19 -18.27 33.93
N TYR B 107 -6.91 -17.49 34.97
CA TYR B 107 -5.83 -17.79 35.91
C TYR B 107 -6.44 -18.44 37.15
N THR B 108 -5.98 -19.66 37.47
CA THR B 108 -6.51 -20.43 38.56
C THR B 108 -5.41 -20.75 39.57
N ARG B 109 -5.75 -20.67 40.86
CA ARG B 109 -4.82 -21.00 41.92
C ARG B 109 -4.73 -22.49 42.19
N ASN B 110 -5.59 -23.29 41.57
CA ASN B 110 -5.61 -24.73 41.83
C ASN B 110 -4.41 -25.40 41.20
N PRO B 111 -3.59 -26.13 41.97
CA PRO B 111 -2.47 -26.87 41.36
C PRO B 111 -2.93 -27.97 40.41
N THR B 112 -4.19 -28.40 40.49
CA THR B 112 -4.67 -29.45 39.59
C THR B 112 -4.63 -29.00 38.14
N GLY B 113 -4.96 -27.73 37.88
CA GLY B 113 -4.93 -27.21 36.52
C GLY B 113 -3.55 -27.17 35.91
N TYR B 114 -2.50 -27.25 36.72
CA TYR B 114 -1.13 -27.25 36.22
C TYR B 114 -0.78 -28.67 35.78
N ASP B 115 -0.93 -28.93 34.48
CA ASP B 115 -0.68 -30.28 33.97
C ASP B 115 0.81 -30.63 33.96
N TYR B 116 1.68 -29.63 33.79
CA TYR B 116 3.11 -29.85 33.72
C TYR B 116 3.74 -29.61 35.10
N TRP B 117 4.57 -30.55 35.53
CA TRP B 117 5.19 -30.50 36.85
C TRP B 117 6.70 -30.70 36.70
N GLY B 118 7.44 -30.20 37.68
CA GLY B 118 8.88 -30.32 37.69
C GLY B 118 9.37 -30.88 39.01
N GLN B 119 10.55 -31.50 38.94
CA GLN B 119 11.15 -32.10 40.12
C GLN B 119 11.65 -31.01 41.08
N GLY B 120 11.63 -31.33 42.37
CA GLY B 120 12.08 -30.43 43.40
C GLY B 120 13.52 -30.66 43.80
N THR B 121 14.11 -29.66 44.44
CA THR B 121 15.50 -29.71 44.88
C THR B 121 15.61 -29.74 46.40
N GLN B 122 15.02 -28.77 47.09
CA GLN B 122 15.10 -28.70 48.54
C GLN B 122 14.16 -29.72 49.19
N SER C 39 -7.78 25.28 -21.75
CA SER C 39 -7.81 23.87 -22.15
C SER C 39 -6.72 23.08 -21.44
N ALA C 40 -5.62 22.82 -22.15
CA ALA C 40 -4.52 22.07 -21.57
C ALA C 40 -3.89 22.83 -20.40
N VAL C 41 -3.72 24.15 -20.55
CA VAL C 41 -3.14 24.96 -19.48
C VAL C 41 -4.02 24.93 -18.25
N TRP C 42 -5.33 25.10 -18.44
CA TRP C 42 -6.28 25.03 -17.33
C TRP C 42 -6.22 23.67 -16.66
N GLY C 43 -6.20 22.60 -17.45
CA GLY C 43 -6.17 21.26 -16.87
C GLY C 43 -4.92 21.00 -16.06
N ILE C 44 -3.75 21.38 -16.61
CA ILE C 44 -2.51 21.11 -15.90
C ILE C 44 -2.40 21.98 -14.65
N SER C 45 -2.88 23.23 -14.72
CA SER C 45 -2.85 24.09 -13.54
C SER C 45 -3.75 23.54 -12.44
N VAL C 46 -4.96 23.11 -12.80
CA VAL C 46 -5.88 22.54 -11.82
C VAL C 46 -5.29 21.27 -11.22
N TYR C 47 -4.73 20.41 -12.07
CA TYR C 47 -4.05 19.20 -11.59
C TYR C 47 -2.98 19.54 -10.57
N GLY C 48 -2.08 20.45 -10.92
CA GLY C 48 -0.99 20.80 -10.03
C GLY C 48 -1.48 21.34 -8.70
N VAL C 49 -2.33 22.36 -8.73
CA VAL C 49 -2.75 23.00 -7.49
C VAL C 49 -3.54 22.03 -6.62
N PHE C 50 -4.48 21.28 -7.22
CA PHE C 50 -5.34 20.41 -6.43
C PHE C 50 -4.56 19.25 -5.86
N VAL C 51 -3.69 18.61 -6.66
CA VAL C 51 -2.91 17.48 -6.17
C VAL C 51 -1.95 17.93 -5.08
N LEU C 52 -1.27 19.07 -5.27
CA LEU C 52 -0.35 19.55 -4.25
C LEU C 52 -1.09 19.85 -2.95
N GLY C 53 -2.23 20.55 -3.04
CA GLY C 53 -2.99 20.86 -1.84
C GLY C 53 -3.48 19.62 -1.12
N PHE C 54 -4.02 18.66 -1.88
CA PHE C 54 -4.53 17.43 -1.26
C PHE C 54 -3.42 16.63 -0.62
N TYR C 55 -2.27 16.52 -1.28
CA TYR C 55 -1.16 15.76 -0.72
C TYR C 55 -0.61 16.42 0.54
N ILE C 56 -0.49 17.76 0.53
CA ILE C 56 -0.05 18.47 1.73
C ILE C 56 -1.04 18.26 2.86
N ALA C 57 -2.35 18.30 2.54
CA ALA C 57 -3.37 18.07 3.56
C ALA C 57 -3.24 16.68 4.16
N GLN C 58 -3.05 15.67 3.31
CA GLN C 58 -2.89 14.30 3.83
C GLN C 58 -1.66 14.19 4.71
N ILE C 59 -0.54 14.79 4.29
CA ILE C 59 0.69 14.69 5.08
C ILE C 59 0.50 15.34 6.43
N VAL C 60 -0.04 16.56 6.46
CA VAL C 60 -0.19 17.25 7.74
C VAL C 60 -1.21 16.56 8.63
N PHE C 61 -2.28 16.02 8.04
CA PHE C 61 -3.28 15.32 8.83
C PHE C 61 -2.71 14.04 9.42
N SER C 62 -1.92 13.30 8.65
CA SER C 62 -1.29 12.09 9.17
C SER C 62 -0.31 12.43 10.29
N GLU C 63 0.48 13.50 10.11
CA GLU C 63 1.41 13.89 11.16
C GLU C 63 0.67 14.29 12.44
N PHE C 64 -0.41 15.06 12.31
CA PHE C 64 -1.17 15.47 13.48
C PHE C 64 -1.81 14.26 14.17
N ASN C 65 -2.34 13.32 13.38
CA ASN C 65 -2.91 12.11 13.98
C ASN C 65 -1.86 11.30 14.71
N ARG C 66 -0.67 11.16 14.12
CA ARG C 66 0.41 10.43 14.79
C ARG C 66 0.81 11.11 16.08
N MET C 67 0.91 12.45 16.06
CA MET C 67 1.27 13.17 17.28
C MET C 67 0.21 13.00 18.36
N ARG C 68 -1.06 13.09 17.98
CA ARG C 68 -2.15 12.92 18.95
C ARG C 68 -2.15 11.51 19.52
N LEU C 69 -1.94 10.49 18.68
CA LEU C 69 -1.90 9.13 19.16
C LEU C 69 -0.72 8.90 20.10
N SER C 70 0.45 9.46 19.76
CA SER C 70 1.60 9.34 20.65
C SER C 70 1.35 10.01 21.99
N ASP C 71 0.72 11.18 21.97
CA ASP C 71 0.39 11.86 23.22
C ASP C 71 -0.59 11.05 24.05
N TRP C 72 -1.59 10.45 23.41
CA TRP C 72 -2.53 9.60 24.14
C TRP C 72 -1.84 8.37 24.73
N ILE C 73 -0.94 7.76 23.98
CA ILE C 73 -0.26 6.55 24.44
C ILE C 73 0.68 6.86 25.60
N SER C 74 1.35 8.02 25.53
CA SER C 74 2.33 8.36 26.57
C SER C 74 1.70 8.54 27.95
N LEU C 75 0.40 8.77 28.02
CA LEU C 75 -0.27 9.00 29.29
C LEU C 75 -0.85 7.73 29.90
N ARG C 76 -0.82 6.60 29.18
CA ARG C 76 -1.42 5.39 29.72
C ARG C 76 -0.50 4.74 30.76
N PRO C 77 -1.08 4.07 31.75
CA PRO C 77 -0.27 3.37 32.75
C PRO C 77 0.29 2.07 32.19
N ASP C 78 1.35 1.59 32.85
CA ASP C 78 1.98 0.34 32.45
C ASP C 78 1.10 -0.84 32.85
N ASN C 79 1.20 -1.92 32.06
CA ASN C 79 0.40 -3.13 32.25
C ASN C 79 -1.10 -2.81 32.27
N TRP C 80 -1.52 -2.00 31.32
CA TRP C 80 -2.93 -1.61 31.20
C TRP C 80 -3.69 -2.74 30.50
N ASN C 81 -4.62 -3.36 31.22
CA ASN C 81 -5.46 -4.42 30.66
C ASN C 81 -6.89 -4.26 31.13
N ALA C 82 -7.38 -3.00 31.16
CA ALA C 82 -8.73 -2.75 31.62
C ALA C 82 -9.77 -3.33 30.66
N THR C 83 -9.53 -3.20 29.36
CA THR C 83 -10.50 -3.66 28.36
C THR C 83 -10.36 -5.15 28.13
N ARG C 84 -11.48 -5.86 28.19
CA ARG C 84 -11.53 -7.29 27.93
C ARG C 84 -11.97 -7.52 26.49
N VAL C 85 -11.17 -8.26 25.73
CA VAL C 85 -11.40 -8.47 24.30
C VAL C 85 -11.35 -9.96 24.00
N ALA C 86 -11.99 -10.32 22.88
CA ALA C 86 -12.01 -11.68 22.38
C ALA C 86 -11.56 -11.70 20.93
N VAL C 87 -10.76 -12.70 20.57
CA VAL C 87 -10.19 -12.82 19.23
C VAL C 87 -11.03 -13.80 18.43
N ILE C 88 -11.43 -13.40 17.22
CA ILE C 88 -12.22 -14.22 16.32
C ILE C 88 -11.43 -14.45 15.05
N ILE C 89 -11.29 -15.71 14.65
CA ILE C 89 -10.53 -16.09 13.46
C ILE C 89 -11.46 -16.83 12.52
N ALA C 90 -11.51 -16.38 11.27
CA ALA C 90 -12.33 -17.00 10.23
C ALA C 90 -11.47 -17.26 9.01
N GLY C 91 -11.66 -18.43 8.39
CA GLY C 91 -10.90 -18.79 7.21
C GLY C 91 -11.52 -19.96 6.49
N TYR C 92 -11.09 -20.14 5.24
CA TYR C 92 -11.59 -21.22 4.41
C TYR C 92 -10.53 -21.56 3.37
N ARG C 93 -10.20 -22.86 3.26
CA ARG C 93 -9.18 -23.34 2.34
C ARG C 93 -7.85 -22.62 2.56
N GLU C 94 -7.47 -22.51 3.83
CA GLU C 94 -6.23 -21.84 4.22
C GLU C 94 -5.10 -22.84 4.36
N ASP C 95 -3.90 -22.42 3.99
CA ASP C 95 -2.73 -23.26 4.13
C ASP C 95 -2.52 -23.64 5.59
N PRO C 96 -2.34 -24.92 5.91
CA PRO C 96 -2.14 -25.31 7.32
C PRO C 96 -0.94 -24.64 7.96
N PHE C 97 0.15 -24.43 7.21
CA PHE C 97 1.32 -23.75 7.76
C PHE C 97 0.99 -22.32 8.15
N MET C 98 0.30 -21.59 7.28
CA MET C 98 -0.06 -20.21 7.57
C MET C 98 -1.06 -20.14 8.73
N PHE C 99 -2.02 -21.06 8.77
CA PHE C 99 -2.98 -21.07 9.86
C PHE C 99 -2.30 -21.37 11.19
N LYS C 100 -1.36 -22.31 11.20
CA LYS C 100 -0.62 -22.61 12.42
C LYS C 100 0.22 -21.41 12.86
N LYS C 101 0.85 -20.72 11.91
CA LYS C 101 1.63 -19.54 12.25
C LYS C 101 0.74 -18.43 12.81
N CYS C 102 -0.44 -18.25 12.24
CA CYS C 102 -1.38 -17.27 12.77
C CYS C 102 -1.82 -17.63 14.18
N LEU C 103 -2.11 -18.91 14.42
CA LEU C 103 -2.50 -19.33 15.77
C LEU C 103 -1.36 -19.10 16.76
N GLU C 104 -0.13 -19.41 16.35
CA GLU C 104 1.01 -19.18 17.23
C GLU C 104 1.20 -17.69 17.52
N SER C 105 1.04 -16.84 16.51
CA SER C 105 1.15 -15.40 16.71
C SER C 105 0.06 -14.90 17.66
N VAL C 106 -1.15 -15.43 17.53
CA VAL C 106 -2.21 -15.08 18.48
C VAL C 106 -1.84 -15.51 19.88
N ARG C 107 -1.29 -16.72 20.03
CA ARG C 107 -0.85 -17.19 21.34
C ARG C 107 0.33 -16.41 21.87
N ASP C 108 1.08 -15.73 21.01
CA ASP C 108 2.24 -14.95 21.43
C ASP C 108 1.87 -13.53 21.89
N SER C 109 0.59 -13.17 21.85
CA SER C 109 0.17 -11.84 22.27
C SER C 109 0.44 -11.64 23.75
N GLU C 110 0.85 -10.42 24.10
CA GLU C 110 1.17 -10.07 25.48
C GLU C 110 0.00 -9.47 26.24
N TYR C 111 -1.18 -9.40 25.64
CA TYR C 111 -2.34 -8.85 26.31
C TYR C 111 -2.78 -9.78 27.44
N GLY C 112 -3.01 -9.22 28.62
CA GLY C 112 -3.35 -10.01 29.78
C GLY C 112 -4.83 -9.99 30.12
N ASN C 113 -5.66 -9.57 29.19
CA ASN C 113 -7.10 -9.52 29.37
C ASN C 113 -7.81 -10.13 28.17
N VAL C 114 -7.35 -11.31 27.75
CA VAL C 114 -7.95 -12.05 26.65
C VAL C 114 -8.89 -13.08 27.25
N ALA C 115 -10.17 -13.03 26.84
CA ALA C 115 -11.15 -13.94 27.40
C ALA C 115 -11.09 -15.32 26.73
N ARG C 116 -11.27 -15.37 25.42
CA ARG C 116 -11.29 -16.63 24.70
C ARG C 116 -10.95 -16.36 23.24
N LEU C 117 -10.69 -17.45 22.52
CA LEU C 117 -10.43 -17.41 21.08
C LEU C 117 -11.53 -18.14 20.35
N ILE C 118 -12.07 -17.51 19.31
CA ILE C 118 -13.16 -18.09 18.52
C ILE C 118 -12.61 -18.42 17.14
N CYS C 119 -12.72 -19.68 16.75
CA CYS C 119 -12.27 -20.14 15.43
C CYS C 119 -13.48 -20.74 14.70
N VAL C 120 -13.81 -20.17 13.55
CA VAL C 120 -14.94 -20.60 12.75
C VAL C 120 -14.43 -21.00 11.37
N ILE C 121 -14.79 -22.19 10.92
CA ILE C 121 -14.40 -22.72 9.62
C ILE C 121 -15.64 -22.82 8.75
N ASP C 122 -15.58 -22.21 7.56
CA ASP C 122 -16.72 -22.21 6.63
C ASP C 122 -16.70 -23.49 5.81
N GLY C 123 -17.02 -24.60 6.47
CA GLY C 123 -17.05 -25.90 5.83
C GLY C 123 -17.03 -27.05 6.81
N ASP C 124 -17.69 -28.14 6.47
CA ASP C 124 -17.76 -29.32 7.32
C ASP C 124 -17.52 -30.59 6.51
N GLU C 125 -16.53 -30.54 5.62
CA GLU C 125 -16.17 -31.68 4.78
C GLU C 125 -14.91 -32.34 5.33
N GLU C 126 -14.52 -33.45 4.69
CA GLU C 126 -13.32 -34.16 5.11
C GLU C 126 -12.06 -33.33 4.85
N GLU C 127 -12.05 -32.52 3.79
CA GLU C 127 -10.89 -31.68 3.52
C GLU C 127 -10.80 -30.54 4.53
N ASP C 128 -11.93 -30.02 5.01
CA ASP C 128 -11.93 -28.94 5.97
C ASP C 128 -11.50 -29.37 7.37
N LEU C 129 -11.39 -30.68 7.62
CA LEU C 129 -10.98 -31.15 8.93
C LEU C 129 -9.49 -30.95 9.18
N LYS C 130 -8.71 -30.68 8.14
CA LYS C 130 -7.28 -30.43 8.32
C LYS C 130 -7.05 -29.18 9.16
N MET C 131 -7.82 -28.12 8.91
CA MET C 131 -7.68 -26.91 9.71
C MET C 131 -8.05 -27.16 11.17
N ALA C 132 -9.11 -27.94 11.41
CA ALA C 132 -9.48 -28.27 12.77
C ALA C 132 -8.39 -29.09 13.46
N GLU C 133 -7.79 -30.03 12.74
CA GLU C 133 -6.70 -30.83 13.31
C GLU C 133 -5.50 -29.95 13.63
N ILE C 134 -5.18 -29.00 12.75
CA ILE C 134 -4.09 -28.07 13.02
C ILE C 134 -4.40 -27.23 14.26
N TYR C 135 -5.66 -26.81 14.40
CA TYR C 135 -6.06 -26.04 15.58
C TYR C 135 -5.89 -26.86 16.85
N LYS C 136 -6.19 -28.17 16.80
CA LYS C 136 -6.04 -29.02 17.98
C LYS C 136 -4.58 -29.16 18.40
N GLN C 137 -3.65 -28.97 17.46
CA GLN C 137 -2.24 -29.04 17.81
C GLN C 137 -1.76 -27.79 18.54
N VAL C 138 -2.36 -26.64 18.26
CA VAL C 138 -1.93 -25.37 18.83
C VAL C 138 -2.78 -25.03 20.04
N TYR C 139 -4.03 -25.50 20.05
CA TYR C 139 -4.97 -25.16 21.11
C TYR C 139 -5.72 -26.39 21.61
N ASN C 140 -6.76 -26.18 22.39
CA ASN C 140 -7.51 -27.29 22.97
C ASN C 140 -8.29 -28.03 21.88
N ASP C 141 -8.70 -29.25 22.21
CA ASP C 141 -9.44 -30.11 21.30
C ASP C 141 -10.95 -29.91 21.38
N ASN C 142 -11.40 -28.75 21.87
CA ASN C 142 -12.83 -28.47 21.98
C ASN C 142 -13.33 -27.98 20.61
N VAL C 143 -13.60 -28.94 19.74
CA VAL C 143 -14.06 -28.67 18.38
C VAL C 143 -15.51 -29.13 18.26
N LYS C 144 -16.37 -28.24 17.80
CA LYS C 144 -17.79 -28.52 17.63
C LYS C 144 -18.15 -28.50 16.16
N LYS C 145 -19.08 -29.38 15.77
CA LYS C 145 -19.52 -29.50 14.39
C LYS C 145 -21.05 -29.42 14.35
N PRO C 146 -21.61 -28.23 14.51
CA PRO C 146 -23.08 -28.10 14.45
C PRO C 146 -23.59 -28.35 13.04
N GLY C 147 -24.81 -28.88 12.97
CA GLY C 147 -25.45 -29.16 11.70
C GLY C 147 -26.30 -28.04 11.15
N VAL C 148 -26.34 -26.89 11.80
CA VAL C 148 -27.14 -25.76 11.37
C VAL C 148 -26.27 -24.50 11.36
N VAL C 149 -26.76 -23.48 10.65
CA VAL C 149 -26.10 -22.19 10.55
C VAL C 149 -26.93 -21.16 11.29
N LEU C 150 -26.28 -20.38 12.16
CA LEU C 150 -27.01 -19.40 12.96
C LEU C 150 -27.67 -18.32 12.09
N CYS C 151 -27.06 -17.99 10.95
CA CYS C 151 -27.63 -16.97 10.07
C CYS C 151 -28.94 -17.41 9.43
N GLU C 152 -29.17 -18.72 9.31
CA GLU C 152 -30.37 -19.25 8.68
C GLU C 152 -31.25 -20.02 9.67
N SER C 153 -31.08 -19.78 10.96
CA SER C 153 -31.85 -20.46 12.00
C SER C 153 -32.75 -19.46 12.72
N GLU C 154 -33.87 -19.97 13.25
CA GLU C 154 -34.80 -19.12 13.98
C GLU C 154 -34.15 -18.54 15.23
N ASN C 155 -33.39 -19.36 15.96
CA ASN C 155 -32.69 -18.92 17.16
C ASN C 155 -31.25 -18.61 16.79
N LYS C 156 -30.91 -17.32 16.73
CA LYS C 156 -29.58 -16.87 16.35
C LYS C 156 -28.64 -16.71 17.53
N ASN C 157 -29.10 -16.97 18.75
CA ASN C 157 -28.26 -16.85 19.93
C ASN C 157 -27.16 -17.91 19.91
N GLY C 158 -26.01 -17.55 20.47
CA GLY C 158 -24.88 -18.46 20.51
C GLY C 158 -24.97 -19.57 21.53
N SER C 159 -25.94 -19.50 22.44
CA SER C 159 -26.11 -20.53 23.45
C SER C 159 -26.65 -21.83 22.86
N THR C 160 -27.18 -21.81 21.64
CA THR C 160 -27.70 -23.04 21.03
C THR C 160 -26.58 -24.01 20.71
N ILE C 161 -25.43 -23.50 20.27
CA ILE C 161 -24.30 -24.35 19.89
C ILE C 161 -23.17 -24.33 20.90
N ASP C 162 -23.23 -23.46 21.91
CA ASP C 162 -22.18 -23.37 22.92
C ASP C 162 -22.80 -23.39 24.31
N SER C 163 -22.11 -24.02 25.25
CA SER C 163 -22.56 -24.14 26.63
C SER C 163 -21.60 -23.54 27.64
N ASP C 164 -20.30 -23.70 27.43
CA ASP C 164 -19.28 -23.18 28.33
C ASP C 164 -18.45 -22.13 27.61
N VAL C 165 -18.25 -20.98 28.26
CA VAL C 165 -17.48 -19.90 27.67
C VAL C 165 -16.05 -19.85 28.19
N SER C 166 -15.72 -20.60 29.23
CA SER C 166 -14.36 -20.60 29.76
C SER C 166 -13.36 -21.17 28.76
N LYS C 167 -13.73 -22.25 28.07
CA LYS C 167 -12.83 -22.93 27.16
C LYS C 167 -13.00 -22.41 25.74
N ASN C 168 -11.89 -22.40 25.00
CA ASN C 168 -11.93 -22.01 23.60
C ASN C 168 -12.72 -23.01 22.79
N ILE C 169 -13.43 -22.53 21.77
CA ILE C 169 -14.32 -23.36 20.97
C ILE C 169 -13.95 -23.22 19.50
N CYS C 170 -14.14 -24.31 18.76
CA CYS C 170 -13.94 -24.34 17.32
C CYS C 170 -15.23 -24.82 16.67
N ILE C 171 -15.69 -24.10 15.65
CA ILE C 171 -16.96 -24.36 14.99
C ILE C 171 -16.70 -24.77 13.55
N LEU C 172 -17.30 -25.89 13.14
CA LEU C 172 -17.24 -26.38 11.76
C LEU C 172 -18.67 -26.36 11.21
N GLN C 173 -19.09 -25.20 10.73
CA GLN C 173 -20.43 -25.02 10.18
C GLN C 173 -20.48 -25.47 8.72
N PRO C 174 -21.67 -25.72 8.19
CA PRO C 174 -21.78 -25.97 6.74
C PRO C 174 -21.27 -24.78 5.95
N HIS C 175 -20.65 -25.08 4.81
CA HIS C 175 -19.99 -24.06 4.00
C HIS C 175 -21.04 -23.12 3.42
N ARG C 176 -21.10 -21.90 3.94
CA ARG C 176 -22.02 -20.88 3.46
C ARG C 176 -21.31 -19.64 2.93
N GLY C 177 -20.37 -19.09 3.68
CA GLY C 177 -19.66 -17.91 3.23
C GLY C 177 -18.88 -17.28 4.38
N LYS C 178 -18.06 -16.30 4.02
CA LYS C 178 -17.24 -15.61 5.02
C LYS C 178 -18.10 -14.75 5.94
N ARG C 179 -19.15 -14.12 5.39
CA ARG C 179 -20.00 -13.27 6.21
C ARG C 179 -20.71 -14.08 7.30
N GLU C 180 -21.15 -15.30 6.97
CA GLU C 180 -21.81 -16.14 7.95
C GLU C 180 -20.87 -16.51 9.09
N SER C 181 -19.59 -16.73 8.78
CA SER C 181 -18.62 -17.08 9.82
C SER C 181 -18.45 -15.93 10.82
N LEU C 182 -18.41 -14.69 10.32
CA LEU C 182 -18.22 -13.55 11.22
C LEU C 182 -19.41 -13.39 12.15
N TYR C 183 -20.62 -13.62 11.66
CA TYR C 183 -21.80 -13.49 12.51
C TYR C 183 -21.80 -14.52 13.63
N THR C 184 -21.38 -15.75 13.34
CA THR C 184 -21.28 -16.77 14.39
C THR C 184 -20.26 -16.38 15.44
N GLY C 185 -19.12 -15.83 15.03
CA GLY C 185 -18.14 -15.35 15.98
C GLY C 185 -18.67 -14.21 16.84
N PHE C 186 -19.42 -13.29 16.23
CA PHE C 186 -20.02 -12.21 16.98
C PHE C 186 -21.01 -12.74 18.01
N GLN C 187 -21.83 -13.72 17.60
CA GLN C 187 -22.80 -14.30 18.53
C GLN C 187 -22.11 -15.03 19.67
N LEU C 188 -21.02 -15.75 19.36
CA LEU C 188 -20.27 -16.43 20.41
C LEU C 188 -19.63 -15.44 21.38
N ALA C 189 -19.15 -14.31 20.86
CA ALA C 189 -18.57 -13.29 21.72
C ALA C 189 -19.65 -12.52 22.49
N SER C 190 -20.84 -12.39 21.91
CA SER C 190 -21.89 -11.58 22.54
C SER C 190 -22.50 -12.27 23.74
N MET C 191 -22.52 -13.61 23.77
CA MET C 191 -23.15 -14.33 24.87
C MET C 191 -22.40 -14.17 26.18
N ASP C 192 -21.16 -13.69 26.16
CA ASP C 192 -20.40 -13.47 27.38
C ASP C 192 -20.43 -12.00 27.73
N PRO C 193 -21.08 -11.59 28.82
CA PRO C 193 -21.12 -10.15 29.16
C PRO C 193 -19.79 -9.61 29.67
N SER C 194 -18.83 -10.47 30.00
CA SER C 194 -17.55 -10.00 30.52
C SER C 194 -16.78 -9.21 29.46
N VAL C 195 -16.82 -9.65 28.21
CA VAL C 195 -16.06 -8.99 27.16
C VAL C 195 -16.66 -7.64 26.84
N HIS C 196 -15.83 -6.73 26.32
CA HIS C 196 -16.26 -5.40 25.93
C HIS C 196 -15.92 -5.05 24.49
N ALA C 197 -15.07 -5.82 23.83
CA ALA C 197 -14.67 -5.54 22.45
C ALA C 197 -14.24 -6.86 21.80
N VAL C 198 -14.16 -6.84 20.47
CA VAL C 198 -13.75 -8.00 19.69
C VAL C 198 -12.64 -7.59 18.73
N VAL C 199 -11.82 -8.57 18.35
CA VAL C 199 -10.73 -8.37 17.41
C VAL C 199 -10.95 -9.30 16.23
N LEU C 200 -10.94 -8.75 15.02
CA LEU C 200 -11.16 -9.50 13.80
C LEU C 200 -9.87 -9.58 13.00
N ILE C 201 -9.41 -10.80 12.74
CA ILE C 201 -8.21 -11.03 11.96
C ILE C 201 -8.48 -12.15 10.94
N ASP C 202 -7.64 -12.19 9.91
CA ASP C 202 -7.75 -13.22 8.90
C ASP C 202 -7.01 -14.49 9.33
N SER C 203 -7.24 -15.57 8.59
CA SER C 203 -6.62 -16.85 8.92
C SER C 203 -5.12 -16.86 8.66
N ASP C 204 -4.60 -15.94 7.85
CA ASP C 204 -3.18 -15.87 7.54
C ASP C 204 -2.50 -14.65 8.18
N THR C 205 -3.20 -13.95 9.07
CA THR C 205 -2.65 -12.74 9.68
C THR C 205 -1.61 -13.11 10.74
N VAL C 206 -0.47 -12.43 10.68
CA VAL C 206 0.58 -12.58 11.68
C VAL C 206 0.61 -11.29 12.50
N LEU C 207 0.42 -11.41 13.81
CA LEU C 207 0.31 -10.26 14.70
C LEU C 207 1.53 -10.15 15.58
N GLU C 208 1.89 -8.91 15.91
CA GLU C 208 2.99 -8.64 16.83
C GLU C 208 2.56 -8.93 18.26
N LYS C 209 3.54 -8.93 19.17
CA LYS C 209 3.27 -9.23 20.56
C LYS C 209 2.45 -8.15 21.25
N ASN C 210 2.38 -6.94 20.67
CA ASN C 210 1.62 -5.84 21.26
C ASN C 210 0.55 -5.32 20.30
N ALA C 211 0.21 -6.08 19.28
CA ALA C 211 -0.80 -5.62 18.32
C ALA C 211 -2.18 -5.53 18.96
N ILE C 212 -2.54 -6.51 19.79
CA ILE C 212 -3.87 -6.52 20.40
C ILE C 212 -4.04 -5.34 21.35
N LEU C 213 -3.04 -5.08 22.19
CA LEU C 213 -3.13 -3.99 23.15
C LEU C 213 -3.24 -2.65 22.45
N GLU C 214 -2.44 -2.43 21.40
CA GLU C 214 -2.42 -1.14 20.73
C GLU C 214 -3.70 -0.90 19.93
N VAL C 215 -4.34 -1.95 19.44
CA VAL C 215 -5.56 -1.78 18.64
C VAL C 215 -6.79 -1.59 19.52
N VAL C 216 -6.71 -1.92 20.81
CA VAL C 216 -7.85 -1.75 21.70
C VAL C 216 -7.66 -0.63 22.71
N TYR C 217 -6.44 -0.11 22.86
CA TYR C 217 -6.21 0.99 23.80
C TYR C 217 -7.00 2.25 23.44
N PRO C 218 -7.02 2.74 22.19
CA PRO C 218 -7.76 3.99 21.91
C PRO C 218 -9.26 3.90 22.11
N LEU C 219 -9.82 2.70 22.23
CA LEU C 219 -11.27 2.58 22.46
C LEU C 219 -11.67 3.23 23.79
N SER C 220 -10.89 3.01 24.83
CA SER C 220 -11.21 3.57 26.14
C SER C 220 -10.83 5.05 26.25
N CYS C 221 -9.99 5.56 25.35
CA CYS C 221 -9.58 6.96 25.41
C CYS C 221 -10.77 7.89 25.18
N ASP C 222 -11.62 7.57 24.22
CA ASP C 222 -12.78 8.40 23.89
C ASP C 222 -14.01 7.48 23.83
N PRO C 223 -15.05 7.76 24.61
CA PRO C 223 -16.26 6.91 24.54
C PRO C 223 -16.94 6.94 23.19
N ASN C 224 -16.72 7.98 22.38
CA ASN C 224 -17.34 8.05 21.06
C ASN C 224 -16.68 7.12 20.06
N ILE C 225 -15.53 6.53 20.39
CA ILE C 225 -14.84 5.62 19.48
C ILE C 225 -15.41 4.23 19.65
N LYS C 226 -15.87 3.63 18.55
CA LYS C 226 -16.45 2.30 18.58
C LYS C 226 -15.69 1.29 17.71
N ALA C 227 -14.71 1.73 16.93
CA ALA C 227 -13.95 0.82 16.08
C ALA C 227 -12.56 1.40 15.86
N VAL C 228 -11.57 0.52 15.80
CA VAL C 228 -10.17 0.89 15.58
C VAL C 228 -9.61 0.01 14.48
N ALA C 229 -8.92 0.62 13.52
CA ALA C 229 -8.31 -0.09 12.42
C ALA C 229 -6.83 -0.32 12.70
N GLY C 230 -6.32 -1.45 12.22
CA GLY C 230 -4.92 -1.83 12.41
C GLY C 230 -4.15 -1.76 11.12
N GLU C 231 -2.86 -1.45 11.23
CA GLU C 231 -2.00 -1.33 10.06
C GLU C 231 -1.60 -2.72 9.56
N CYS C 232 -1.60 -2.89 8.24
CA CYS C 232 -1.33 -4.17 7.61
C CYS C 232 -0.07 -4.06 6.76
N LYS C 233 0.81 -5.06 6.88
CA LYS C 233 2.05 -5.12 6.11
C LYS C 233 2.08 -6.41 5.30
N ILE C 234 2.89 -6.40 4.25
CA ILE C 234 3.05 -7.54 3.36
C ILE C 234 4.40 -8.18 3.64
N TRP C 235 4.39 -9.43 4.12
CA TRP C 235 5.63 -10.08 4.55
C TRP C 235 6.47 -10.55 3.37
N ASN C 236 5.83 -11.08 2.32
CA ASN C 236 6.56 -11.62 1.18
C ASN C 236 6.84 -10.53 0.16
N THR C 237 8.12 -10.34 -0.18
CA THR C 237 8.55 -9.33 -1.14
C THR C 237 9.56 -9.93 -2.10
N ASP C 238 9.31 -11.15 -2.56
CA ASP C 238 10.20 -11.85 -3.49
C ASP C 238 9.85 -11.59 -4.95
N THR C 239 8.84 -10.76 -5.23
CA THR C 239 8.43 -10.46 -6.58
C THR C 239 8.36 -8.95 -6.77
N ILE C 240 8.60 -8.51 -8.00
CA ILE C 240 8.56 -7.08 -8.30
C ILE C 240 7.18 -6.51 -8.02
N LEU C 241 6.13 -7.28 -8.30
CA LEU C 241 4.78 -6.82 -8.00
C LEU C 241 4.51 -6.79 -6.50
N SER C 242 5.04 -7.79 -5.77
CA SER C 242 4.79 -7.88 -4.34
C SER C 242 5.36 -6.68 -3.58
N MET C 243 6.61 -6.30 -3.90
CA MET C 243 7.21 -5.16 -3.24
C MET C 243 6.45 -3.87 -3.55
N LEU C 244 6.05 -3.70 -4.81
CA LEU C 244 5.32 -2.49 -5.18
C LEU C 244 3.97 -2.41 -4.47
N VAL C 245 3.24 -3.52 -4.39
CA VAL C 245 1.95 -3.48 -3.72
C VAL C 245 2.13 -3.32 -2.21
N SER C 246 3.21 -3.87 -1.65
CA SER C 246 3.49 -3.67 -0.23
C SER C 246 3.74 -2.20 0.07
N TRP C 247 4.55 -1.54 -0.76
CA TRP C 247 4.82 -0.13 -0.56
C TRP C 247 3.56 0.72 -0.78
N ARG C 248 2.73 0.34 -1.76
CA ARG C 248 1.48 1.04 -2.00
C ARG C 248 0.55 0.93 -0.79
N TYR C 249 0.46 -0.27 -0.22
CA TYR C 249 -0.36 -0.47 0.99
C TYR C 249 0.18 0.35 2.16
N PHE C 250 1.50 0.34 2.33
CA PHE C 250 2.10 1.12 3.42
C PHE C 250 1.81 2.61 3.26
N SER C 251 1.97 3.13 2.04
CA SER C 251 1.67 4.54 1.80
C SER C 251 0.20 4.84 2.04
N ALA C 252 -0.68 3.94 1.61
CA ALA C 252 -2.12 4.14 1.83
C ALA C 252 -2.43 4.24 3.31
N PHE C 253 -1.98 3.25 4.09
CA PHE C 253 -2.18 3.27 5.53
C PHE C 253 -1.58 4.52 6.16
N ASN C 254 -0.45 4.99 5.63
CA ASN C 254 0.21 6.15 6.21
C ASN C 254 -0.59 7.43 5.98
N VAL C 255 -1.08 7.66 4.77
CA VAL C 255 -1.67 8.96 4.48
C VAL C 255 -3.20 8.94 4.57
N GLU C 256 -3.88 8.09 3.80
CA GLU C 256 -5.35 8.20 3.78
C GLU C 256 -5.95 7.76 5.11
N ARG C 257 -5.50 6.61 5.63
CA ARG C 257 -6.02 6.13 6.89
C ARG C 257 -5.58 7.01 8.06
N GLY C 258 -4.39 7.62 7.96
CA GLY C 258 -3.99 8.58 8.98
C GLY C 258 -4.87 9.81 9.02
N ALA C 259 -5.19 10.36 7.84
CA ALA C 259 -6.09 11.51 7.78
C ALA C 259 -7.48 11.14 8.27
N GLN C 260 -7.97 9.95 7.89
CA GLN C 260 -9.27 9.49 8.36
C GLN C 260 -9.28 9.33 9.88
N SER C 261 -8.18 8.83 10.45
CA SER C 261 -8.08 8.73 11.90
C SER C 261 -8.07 10.09 12.57
N LEU C 262 -7.37 11.06 11.98
CA LEU C 262 -7.37 12.40 12.54
C LEU C 262 -8.76 13.01 12.52
N TRP C 263 -9.50 12.82 11.43
CA TRP C 263 -10.85 13.34 11.32
C TRP C 263 -11.89 12.45 11.99
N LYS C 264 -11.48 11.31 12.54
CA LYS C 264 -12.38 10.40 13.25
C LYS C 264 -13.52 9.93 12.36
N THR C 265 -13.22 9.72 11.08
CA THR C 265 -14.19 9.25 10.10
C THR C 265 -13.53 8.18 9.21
N VAL C 266 -12.94 7.17 9.87
CA VAL C 266 -12.24 6.12 9.15
C VAL C 266 -13.24 5.23 8.42
N GLN C 267 -12.98 4.98 7.14
CA GLN C 267 -13.78 4.07 6.34
C GLN C 267 -13.13 2.70 6.24
N CYS C 268 -11.79 2.64 6.23
CA CYS C 268 -11.06 1.39 6.08
C CYS C 268 -10.93 0.73 7.45
N VAL C 269 -11.96 -0.01 7.84
CA VAL C 269 -12.00 -0.74 9.10
C VAL C 269 -12.38 -2.18 8.80
N GLY C 270 -11.66 -3.12 9.40
CA GLY C 270 -11.94 -4.53 9.20
C GLY C 270 -10.69 -5.39 9.18
N GLY C 271 -10.70 -6.45 8.40
CA GLY C 271 -9.56 -7.32 8.26
C GLY C 271 -8.42 -6.65 7.51
N PRO C 272 -7.20 -7.19 7.66
CA PRO C 272 -6.91 -8.37 8.46
C PRO C 272 -6.58 -8.04 9.92
N LEU C 273 -6.82 -6.79 10.32
CA LEU C 273 -6.57 -6.38 11.69
C LEU C 273 -7.46 -5.19 12.02
N GLY C 274 -8.32 -5.37 13.02
CA GLY C 274 -9.24 -4.30 13.42
C GLY C 274 -9.86 -4.63 14.76
N ALA C 275 -10.56 -3.63 15.30
CA ALA C 275 -11.24 -3.75 16.58
C ALA C 275 -12.66 -3.22 16.47
N TYR C 276 -13.55 -3.79 17.29
CA TYR C 276 -14.95 -3.41 17.30
C TYR C 276 -15.49 -3.58 18.71
N THR C 277 -16.27 -2.60 19.16
CA THR C 277 -16.91 -2.71 20.46
C THR C 277 -18.14 -3.61 20.37
N ILE C 278 -18.52 -4.16 21.53
CA ILE C 278 -19.59 -5.16 21.57
C ILE C 278 -20.95 -4.52 21.25
N ASP C 279 -21.18 -3.30 21.72
CA ASP C 279 -22.48 -2.67 21.55
C ASP C 279 -22.79 -2.40 20.09
N ILE C 280 -21.82 -1.86 19.34
CA ILE C 280 -22.09 -1.49 17.96
C ILE C 280 -22.31 -2.73 17.10
N ILE C 281 -21.53 -3.80 17.32
CA ILE C 281 -21.72 -5.01 16.54
C ILE C 281 -23.04 -5.68 16.92
N ASN C 282 -23.41 -5.65 18.20
CA ASN C 282 -24.71 -6.18 18.60
C ASN C 282 -25.84 -5.42 17.94
N GLU C 283 -25.68 -4.11 17.78
CA GLU C 283 -26.74 -3.32 17.15
C GLU C 283 -26.81 -3.56 15.64
N ILE C 284 -25.67 -3.72 14.97
CA ILE C 284 -25.63 -3.69 13.52
C ILE C 284 -25.41 -5.07 12.91
N LYS C 285 -25.44 -6.14 13.72
CA LYS C 285 -25.25 -7.47 13.16
C LYS C 285 -26.40 -7.84 12.21
N ASP C 286 -27.63 -7.57 12.61
CA ASP C 286 -28.77 -7.91 11.77
C ASP C 286 -28.80 -7.14 10.45
N PRO C 287 -28.65 -5.81 10.42
CA PRO C 287 -28.62 -5.12 9.12
C PRO C 287 -27.46 -5.57 8.23
N TRP C 288 -26.31 -5.91 8.82
CA TRP C 288 -25.16 -6.33 8.01
C TRP C 288 -25.44 -7.66 7.32
N ILE C 289 -26.09 -8.60 8.01
CA ILE C 289 -26.34 -9.92 7.44
C ILE C 289 -27.61 -9.98 6.61
N THR C 290 -28.55 -9.05 6.81
CA THR C 290 -29.77 -9.06 6.02
C THR C 290 -29.61 -8.37 4.66
N GLN C 291 -28.48 -7.71 4.43
CA GLN C 291 -28.25 -7.04 3.16
C GLN C 291 -27.94 -8.05 2.06
N THR C 292 -28.43 -7.76 0.85
CA THR C 292 -28.18 -8.64 -0.29
C THR C 292 -26.71 -8.57 -0.68
N PHE C 293 -26.14 -9.74 -0.99
CA PHE C 293 -24.72 -9.86 -1.32
C PHE C 293 -24.59 -10.30 -2.77
N LEU C 294 -23.85 -9.53 -3.57
CA LEU C 294 -23.56 -9.87 -4.96
C LEU C 294 -22.06 -9.93 -5.22
N GLY C 295 -21.24 -10.05 -4.17
CA GLY C 295 -19.80 -10.08 -4.32
C GLY C 295 -19.26 -11.45 -4.66
N ASN C 296 -18.04 -11.71 -4.22
CA ASN C 296 -17.40 -13.00 -4.48
C ASN C 296 -18.13 -14.11 -3.73
N LYS C 297 -18.28 -15.25 -4.39
CA LYS C 297 -18.97 -16.38 -3.79
C LYS C 297 -18.17 -16.95 -2.64
N CYS C 298 -18.81 -17.11 -1.49
CA CYS C 298 -18.23 -17.70 -0.28
C CYS C 298 -16.85 -17.10 0.05
N THR C 299 -16.64 -15.85 -0.31
CA THR C 299 -15.36 -15.18 -0.11
C THR C 299 -15.64 -13.68 -0.03
N TYR C 300 -14.64 -12.94 0.48
CA TYR C 300 -14.69 -11.49 0.59
C TYR C 300 -15.88 -11.05 1.48
N GLY C 301 -15.75 -11.39 2.75
CA GLY C 301 -16.69 -10.93 3.75
C GLY C 301 -16.79 -9.42 3.76
N ASP C 302 -18.02 -8.91 3.74
CA ASP C 302 -18.24 -7.48 3.53
C ASP C 302 -17.89 -6.67 4.78
N ASN C 303 -16.61 -6.36 4.95
CA ASN C 303 -16.19 -5.47 6.04
C ASN C 303 -16.48 -4.01 5.71
N ARG C 304 -16.69 -3.70 4.43
CA ARG C 304 -16.97 -2.32 4.03
C ARG C 304 -18.32 -1.85 4.57
N ARG C 305 -19.35 -2.66 4.38
CA ARG C 305 -20.69 -2.25 4.78
C ARG C 305 -20.85 -2.24 6.29
N LEU C 306 -20.08 -3.06 7.01
CA LEU C 306 -20.08 -2.97 8.47
C LEU C 306 -19.57 -1.61 8.94
N THR C 307 -18.47 -1.15 8.34
CA THR C 307 -17.96 0.18 8.68
C THR C 307 -18.93 1.27 8.26
N ASN C 308 -19.61 1.07 7.13
CA ASN C 308 -20.62 2.04 6.71
C ASN C 308 -21.76 2.11 7.72
N GLU C 309 -22.19 0.96 8.24
CA GLU C 309 -23.24 0.93 9.25
C GLU C 309 -22.80 1.62 10.53
N VAL C 310 -21.54 1.42 10.93
CA VAL C 310 -21.02 2.14 12.09
C VAL C 310 -21.01 3.63 11.84
N LEU C 311 -20.58 4.05 10.64
CA LEU C 311 -20.45 5.48 10.35
C LEU C 311 -21.81 6.16 10.29
N MET C 312 -22.82 5.53 9.69
CA MET C 312 -24.11 6.17 9.53
C MET C 312 -24.83 6.41 10.85
N ARG C 313 -24.39 5.79 11.93
CA ARG C 313 -24.99 6.00 13.25
C ARG C 313 -24.34 7.13 14.03
N GLY C 314 -23.37 7.84 13.43
CA GLY C 314 -22.74 8.96 14.10
C GLY C 314 -21.69 8.57 15.11
N LYS C 315 -21.06 7.41 14.97
CA LYS C 315 -20.04 6.95 15.89
C LYS C 315 -18.67 7.16 15.27
N LYS C 316 -17.80 7.87 16.00
CA LYS C 316 -16.48 8.18 15.49
C LYS C 316 -15.59 6.94 15.48
N ILE C 317 -14.71 6.86 14.48
CA ILE C 317 -13.80 5.74 14.31
C ILE C 317 -12.40 6.27 14.09
N VAL C 318 -11.42 5.69 14.77
CA VAL C 318 -10.02 6.08 14.63
C VAL C 318 -9.22 4.90 14.12
N TYR C 319 -8.00 5.20 13.68
CA TYR C 319 -7.07 4.19 13.17
C TYR C 319 -5.70 4.41 13.78
N THR C 320 -5.00 3.32 14.08
CA THR C 320 -3.68 3.43 14.67
C THR C 320 -2.67 2.65 13.83
N PRO C 321 -1.45 3.18 13.68
CA PRO C 321 -0.40 2.45 12.97
C PRO C 321 0.50 1.59 13.85
N PHE C 322 0.39 1.72 15.17
CA PHE C 322 1.24 0.94 16.07
C PHE C 322 0.93 -0.55 15.96
N ALA C 323 -0.35 -0.91 15.83
CA ALA C 323 -0.72 -2.31 15.63
C ALA C 323 -0.35 -2.72 14.21
N VAL C 324 0.49 -3.74 14.09
CA VAL C 324 1.04 -4.17 12.81
C VAL C 324 0.55 -5.59 12.52
N GLY C 325 -0.04 -5.78 11.36
CA GLY C 325 -0.45 -7.10 10.90
C GLY C 325 0.28 -7.46 9.61
N TRP C 326 0.52 -8.76 9.44
CA TRP C 326 1.26 -9.27 8.29
C TRP C 326 0.36 -10.18 7.48
N SER C 327 0.32 -9.97 6.17
CA SER C 327 -0.50 -10.78 5.27
C SER C 327 0.21 -10.91 3.94
N ASP C 328 -0.16 -11.95 3.20
CA ASP C 328 0.45 -12.24 1.91
C ASP C 328 -0.23 -11.46 0.79
N SER C 329 0.46 -11.38 -0.35
CA SER C 329 -0.04 -10.72 -1.54
C SER C 329 0.17 -11.59 -2.76
N PRO C 330 -0.73 -11.53 -3.73
CA PRO C 330 -0.56 -12.34 -4.94
C PRO C 330 0.63 -11.87 -5.77
N THR C 331 1.25 -12.83 -6.47
CA THR C 331 2.38 -12.56 -7.33
C THR C 331 2.05 -12.68 -8.81
N ASN C 332 0.77 -12.84 -9.15
CA ASN C 332 0.34 -12.99 -10.54
C ASN C 332 -0.31 -11.70 -11.02
N VAL C 333 0.15 -11.20 -12.17
CA VAL C 333 -0.37 -9.95 -12.69
C VAL C 333 -1.84 -10.09 -13.09
N MET C 334 -2.21 -11.24 -13.65
CA MET C 334 -3.60 -11.46 -14.04
C MET C 334 -4.52 -11.48 -12.83
N ARG C 335 -4.12 -12.19 -11.77
CA ARG C 335 -4.90 -12.21 -10.55
C ARG C 335 -4.98 -10.81 -9.93
N TYR C 336 -3.86 -10.08 -9.96
CA TYR C 336 -3.85 -8.71 -9.47
C TYR C 336 -4.86 -7.85 -10.22
N ILE C 337 -4.89 -7.99 -11.55
CA ILE C 337 -5.80 -7.19 -12.37
C ILE C 337 -7.25 -7.54 -12.08
N VAL C 338 -7.57 -8.83 -11.97
CA VAL C 338 -8.97 -9.20 -11.77
C VAL C 338 -9.44 -8.78 -10.38
N GLN C 339 -8.60 -8.94 -9.36
CA GLN C 339 -9.01 -8.53 -8.03
C GLN C 339 -9.07 -7.00 -7.91
N GLN C 340 -8.24 -6.29 -8.68
CA GLN C 340 -8.37 -4.83 -8.75
C GLN C 340 -9.67 -4.43 -9.42
N THR C 341 -10.11 -5.17 -10.44
CA THR C 341 -11.41 -4.88 -11.06
C THR C 341 -12.54 -5.09 -10.07
N ARG C 342 -12.49 -6.21 -9.32
CA ARG C 342 -13.51 -6.46 -8.30
C ARG C 342 -13.49 -5.38 -7.23
N TRP C 343 -12.29 -4.98 -6.79
CA TRP C 343 -12.17 -3.93 -5.79
C TRP C 343 -12.62 -2.58 -6.31
N SER C 344 -12.49 -2.34 -7.62
CA SER C 344 -12.98 -1.09 -8.20
C SER C 344 -14.51 -1.07 -8.21
N LYS C 345 -15.13 -2.19 -8.58
CA LYS C 345 -16.59 -2.27 -8.49
C LYS C 345 -17.06 -2.05 -7.06
N SER C 346 -16.42 -2.72 -6.10
CA SER C 346 -16.73 -2.49 -4.69
C SER C 346 -16.58 -1.01 -4.37
N TRP C 347 -15.41 -0.45 -4.68
CA TRP C 347 -15.14 0.96 -4.39
C TRP C 347 -16.24 1.86 -4.91
N CYS C 348 -16.78 1.57 -6.10
CA CYS C 348 -17.89 2.38 -6.61
C CYS C 348 -19.12 2.25 -5.70
N ARG C 349 -19.56 1.02 -5.42
CA ARG C 349 -20.76 0.86 -4.61
C ARG C 349 -20.58 1.50 -3.22
N GLU C 350 -19.44 1.25 -2.58
CA GLU C 350 -19.22 1.80 -1.26
C GLU C 350 -18.87 3.29 -1.24
N ILE C 351 -18.38 3.90 -2.33
CA ILE C 351 -18.27 5.36 -2.30
C ILE C 351 -19.65 6.00 -2.38
N TRP C 352 -20.55 5.45 -3.20
CA TRP C 352 -21.93 5.94 -3.16
C TRP C 352 -22.52 5.74 -1.77
N TYR C 353 -22.34 4.56 -1.19
CA TYR C 353 -22.91 4.27 0.12
C TYR C 353 -22.34 5.18 1.20
N THR C 354 -21.02 5.43 1.18
CA THR C 354 -20.41 6.24 2.22
C THR C 354 -20.72 7.72 2.03
N LEU C 355 -20.91 8.19 0.79
CA LEU C 355 -21.42 9.55 0.61
C LEU C 355 -22.81 9.68 1.21
N GLY C 356 -23.69 8.72 0.92
CA GLY C 356 -25.03 8.75 1.49
C GLY C 356 -25.02 8.71 3.01
N SER C 357 -24.13 7.91 3.58
CA SER C 357 -24.06 7.76 5.04
C SER C 357 -23.37 8.94 5.72
N ALA C 358 -22.37 9.55 5.08
CA ALA C 358 -21.60 10.63 5.68
C ALA C 358 -22.16 12.01 5.37
N TRP C 359 -23.19 12.12 4.55
CA TRP C 359 -23.89 13.40 4.46
C TRP C 359 -24.88 13.53 5.61
N LYS C 360 -24.41 13.28 6.83
CA LYS C 360 -25.22 13.40 8.03
C LYS C 360 -24.48 14.14 9.13
N HIS C 361 -23.14 14.09 9.10
CA HIS C 361 -22.33 14.63 10.18
C HIS C 361 -22.39 16.15 10.27
N GLY C 362 -22.69 16.83 9.18
CA GLY C 362 -22.76 18.29 9.18
C GLY C 362 -21.41 18.93 8.87
N PHE C 363 -20.75 19.45 9.91
CA PHE C 363 -19.44 20.07 9.73
C PHE C 363 -18.42 19.06 9.22
N SER C 364 -18.41 17.85 9.80
CA SER C 364 -17.52 16.80 9.36
C SER C 364 -18.24 15.88 8.37
N GLY C 365 -17.57 14.79 7.98
CA GLY C 365 -18.12 13.83 7.07
C GLY C 365 -17.92 14.15 5.61
N ILE C 366 -17.49 15.37 5.28
CA ILE C 366 -17.26 15.75 3.89
C ILE C 366 -15.87 15.36 3.40
N TYR C 367 -15.00 14.89 4.29
CA TYR C 367 -13.65 14.52 3.88
C TYR C 367 -13.68 13.29 2.97
N LEU C 368 -14.56 12.33 3.25
CA LEU C 368 -14.69 11.17 2.38
C LEU C 368 -15.19 11.57 0.99
N ALA C 369 -16.14 12.49 0.92
CA ALA C 369 -16.61 12.97 -0.37
C ALA C 369 -15.49 13.72 -1.10
N PHE C 370 -14.69 14.49 -0.36
CA PHE C 370 -13.57 15.19 -0.97
C PHE C 370 -12.56 14.20 -1.55
N GLU C 371 -12.28 13.11 -0.81
CA GLU C 371 -11.41 12.07 -1.35
C GLU C 371 -12.02 11.42 -2.58
N CYS C 372 -13.33 11.20 -2.57
CA CYS C 372 -14.00 10.61 -3.72
C CYS C 372 -13.82 11.47 -4.97
N MET C 373 -14.12 12.78 -4.85
CA MET C 373 -13.92 13.68 -5.98
C MET C 373 -12.46 13.77 -6.38
N TYR C 374 -11.56 13.73 -5.40
CA TYR C 374 -10.13 13.79 -5.71
C TYR C 374 -9.72 12.60 -6.58
N GLN C 375 -10.15 11.39 -6.19
CA GLN C 375 -9.80 10.20 -6.96
C GLN C 375 -10.44 10.23 -8.34
N ILE C 376 -11.72 10.64 -8.42
CA ILE C 376 -12.41 10.67 -9.70
C ILE C 376 -11.73 11.66 -10.65
N MET C 377 -11.45 12.86 -10.17
CA MET C 377 -10.78 13.86 -10.99
C MET C 377 -9.37 13.44 -11.36
N TYR C 378 -8.67 12.75 -10.44
CA TYR C 378 -7.32 12.27 -10.76
C TYR C 378 -7.36 11.27 -11.90
N PHE C 379 -8.29 10.31 -11.85
CA PHE C 379 -8.40 9.35 -12.94
C PHE C 379 -8.78 10.04 -14.24
N PHE C 380 -9.72 10.98 -14.18
CA PHE C 380 -10.15 11.68 -15.38
C PHE C 380 -9.00 12.47 -16.00
N LEU C 381 -8.22 13.17 -15.16
CA LEU C 381 -7.12 13.97 -15.70
C LEU C 381 -6.00 13.08 -16.22
N VAL C 382 -5.75 11.93 -15.60
CA VAL C 382 -4.75 11.01 -16.15
C VAL C 382 -5.17 10.53 -17.53
N MET C 383 -6.45 10.15 -17.67
CA MET C 383 -6.94 9.72 -18.98
C MET C 383 -6.83 10.85 -20.01
N TYR C 384 -7.24 12.06 -19.62
CA TYR C 384 -7.20 13.18 -20.55
C TYR C 384 -5.76 13.53 -20.95
N LEU C 385 -4.84 13.51 -19.98
CA LEU C 385 -3.44 13.81 -20.29
C LEU C 385 -2.84 12.76 -21.19
N PHE C 386 -3.15 11.47 -20.95
CA PHE C 386 -2.64 10.43 -21.84
C PHE C 386 -3.18 10.60 -23.25
N SER C 387 -4.48 10.89 -23.38
CA SER C 387 -5.05 11.11 -24.70
C SER C 387 -4.42 12.30 -25.40
N TYR C 388 -4.21 13.40 -24.67
CA TYR C 388 -3.59 14.59 -25.25
C TYR C 388 -2.17 14.29 -25.70
N ILE C 389 -1.39 13.60 -24.87
CA ILE C 389 -0.02 13.24 -25.24
C ILE C 389 -0.01 12.37 -26.49
N ALA C 390 -0.96 11.43 -26.57
CA ALA C 390 -1.04 10.56 -27.74
C ALA C 390 -1.37 11.34 -29.00
N ILE C 391 -2.29 12.32 -28.90
CA ILE C 391 -2.77 12.98 -30.11
C ILE C 391 -1.79 14.05 -30.59
N LYS C 392 -1.27 14.89 -29.68
CA LYS C 392 -0.44 16.01 -30.12
C LYS C 392 0.93 15.54 -30.58
N ALA C 393 1.54 14.60 -29.85
CA ALA C 393 2.81 13.99 -30.22
C ALA C 393 3.90 15.03 -30.45
N ASP C 394 4.23 15.76 -29.39
CA ASP C 394 5.30 16.75 -29.41
C ASP C 394 6.29 16.42 -28.29
N ILE C 395 7.58 16.40 -28.62
CA ILE C 395 8.60 16.01 -27.65
C ILE C 395 8.81 17.06 -26.58
N ARG C 396 8.42 18.32 -26.82
CA ARG C 396 8.69 19.38 -25.86
C ARG C 396 7.90 19.19 -24.58
N ALA C 397 6.58 18.97 -24.70
CA ALA C 397 5.74 18.84 -23.51
C ALA C 397 5.89 17.48 -22.84
N GLN C 398 6.11 16.42 -23.63
CA GLN C 398 6.22 15.08 -23.05
C GLN C 398 7.40 14.98 -22.09
N THR C 399 8.53 15.58 -22.46
CA THR C 399 9.70 15.56 -21.58
C THR C 399 9.42 16.27 -20.27
N ALA C 400 8.75 17.44 -20.34
CA ALA C 400 8.42 18.16 -19.12
C ALA C 400 7.47 17.36 -18.24
N THR C 401 6.46 16.73 -18.85
CA THR C 401 5.50 15.95 -18.08
C THR C 401 6.17 14.76 -17.40
N VAL C 402 7.00 14.03 -18.12
CA VAL C 402 7.66 12.87 -17.52
C VAL C 402 8.64 13.33 -16.44
N LEU C 403 9.30 14.47 -16.66
CA LEU C 403 10.24 14.98 -15.65
C LEU C 403 9.52 15.36 -14.36
N VAL C 404 8.39 16.07 -14.47
CA VAL C 404 7.67 16.48 -13.27
C VAL C 404 7.05 15.27 -12.58
N SER C 405 6.56 14.30 -13.36
CA SER C 405 6.05 13.07 -12.75
C SER C 405 7.14 12.32 -11.99
N THR C 406 8.33 12.22 -12.59
CA THR C 406 9.45 11.57 -11.91
C THR C 406 9.82 12.34 -10.64
N LEU C 407 9.82 13.67 -10.72
CA LEU C 407 10.17 14.48 -9.55
C LEU C 407 9.19 14.27 -8.40
N VAL C 408 7.89 14.30 -8.70
CA VAL C 408 6.90 14.14 -7.63
C VAL C 408 6.93 12.72 -7.08
N THR C 409 7.15 11.72 -7.95
CA THR C 409 7.26 10.35 -7.48
C THR C 409 8.48 10.17 -6.59
N ILE C 410 9.60 10.80 -6.95
CA ILE C 410 10.80 10.74 -6.13
C ILE C 410 10.57 11.42 -4.79
N ILE C 411 9.86 12.54 -4.78
CA ILE C 411 9.55 13.23 -3.52
C ILE C 411 8.69 12.33 -2.63
N LYS C 412 7.68 11.68 -3.22
CA LYS C 412 6.83 10.77 -2.44
C LYS C 412 7.63 9.60 -1.88
N SER C 413 8.52 9.03 -2.71
CA SER C 413 9.35 7.92 -2.25
C SER C 413 10.29 8.35 -1.12
N SER C 414 10.85 9.55 -1.24
CA SER C 414 11.73 10.06 -0.18
C SER C 414 10.96 10.28 1.11
N TYR C 415 9.73 10.79 1.02
CA TYR C 415 8.90 10.95 2.21
C TYR C 415 8.59 9.59 2.84
N LEU C 416 8.27 8.60 2.00
CA LEU C 416 7.99 7.26 2.52
C LEU C 416 9.21 6.67 3.22
N ALA C 417 10.40 6.86 2.62
CA ALA C 417 11.62 6.36 3.23
C ALA C 417 11.90 7.06 4.56
N LEU C 418 11.68 8.37 4.62
CA LEU C 418 11.90 9.11 5.86
C LEU C 418 10.93 8.66 6.95
N ARG C 419 9.66 8.46 6.59
CA ARG C 419 8.68 8.05 7.59
C ARG C 419 8.92 6.62 8.06
N ALA C 420 9.24 5.71 7.13
CA ALA C 420 9.45 4.31 7.47
C ALA C 420 10.87 4.02 7.95
N LYS C 421 11.79 4.97 7.84
CA LYS C 421 13.19 4.78 8.23
C LYS C 421 13.80 3.59 7.52
N ASN C 422 13.43 3.39 6.26
CA ASN C 422 13.92 2.28 5.45
C ASN C 422 14.33 2.79 4.08
N LEU C 423 15.49 2.34 3.61
CA LEU C 423 16.00 2.75 2.30
C LEU C 423 15.34 2.02 1.15
N LYS C 424 14.53 0.99 1.42
CA LYS C 424 13.88 0.23 0.37
C LYS C 424 12.63 0.91 -0.18
N ALA C 425 12.17 1.99 0.45
CA ALA C 425 10.98 2.68 -0.03
C ALA C 425 11.19 3.41 -1.35
N PHE C 426 12.44 3.57 -1.79
CA PHE C 426 12.70 4.21 -3.07
C PHE C 426 12.27 3.35 -4.25
N TYR C 427 11.92 2.08 -4.03
CA TYR C 427 11.41 1.23 -5.10
C TYR C 427 10.01 1.62 -5.54
N PHE C 428 9.34 2.52 -4.82
CA PHE C 428 8.01 2.96 -5.18
C PHE C 428 7.96 3.73 -6.49
N VAL C 429 9.11 4.16 -7.01
CA VAL C 429 9.14 4.87 -8.29
C VAL C 429 8.69 3.97 -9.42
N LEU C 430 8.88 2.65 -9.29
CA LEU C 430 8.46 1.71 -10.31
C LEU C 430 6.97 1.39 -10.24
N TYR C 431 6.27 1.87 -9.21
CA TYR C 431 4.84 1.60 -9.09
C TYR C 431 4.02 2.31 -10.16
N THR C 432 4.56 3.39 -10.74
CA THR C 432 3.82 4.12 -11.76
C THR C 432 3.54 3.26 -12.98
N TYR C 433 4.53 2.47 -13.40
CA TYR C 433 4.34 1.61 -14.57
C TYR C 433 3.23 0.58 -14.33
N VAL C 434 3.31 -0.13 -13.21
CA VAL C 434 2.30 -1.15 -12.94
C VAL C 434 0.93 -0.52 -12.72
N TYR C 435 0.89 0.66 -12.12
CA TYR C 435 -0.37 1.38 -11.97
C TYR C 435 -0.98 1.67 -13.34
N PHE C 436 -0.21 2.30 -14.23
CA PHE C 436 -0.73 2.68 -15.53
C PHE C 436 -1.13 1.45 -16.35
N PHE C 437 -0.40 0.34 -16.19
CA PHE C 437 -0.66 -0.85 -16.99
C PHE C 437 -1.71 -1.77 -16.39
N CYS C 438 -2.10 -1.61 -15.13
CA CYS C 438 -3.07 -2.51 -14.53
C CYS C 438 -4.33 -1.83 -14.03
N MET C 439 -4.23 -0.69 -13.36
CA MET C 439 -5.40 -0.08 -12.74
C MET C 439 -6.37 0.45 -13.80
N ILE C 440 -5.84 1.21 -14.77
CA ILE C 440 -6.72 1.85 -15.75
C ILE C 440 -7.60 0.84 -16.49
N PRO C 441 -7.07 -0.27 -17.02
CA PRO C 441 -7.97 -1.29 -17.57
C PRO C 441 -8.92 -1.86 -16.53
N ALA C 442 -8.48 -1.98 -15.27
CA ALA C 442 -9.35 -2.52 -14.23
C ALA C 442 -10.54 -1.60 -13.98
N ARG C 443 -10.29 -0.30 -13.82
CA ARG C 443 -11.39 0.64 -13.63
C ARG C 443 -12.28 0.72 -14.87
N ILE C 444 -11.68 0.64 -16.06
CA ILE C 444 -12.47 0.66 -17.29
C ILE C 444 -13.42 -0.54 -17.34
N THR C 445 -12.90 -1.72 -17.01
CA THR C 445 -13.75 -2.92 -16.97
C THR C 445 -14.82 -2.79 -15.90
N ALA C 446 -14.47 -2.24 -14.74
CA ALA C 446 -15.43 -2.09 -13.66
C ALA C 446 -16.57 -1.16 -14.06
N MET C 447 -16.26 -0.04 -14.72
CA MET C 447 -17.31 0.87 -15.13
C MET C 447 -18.10 0.33 -16.32
N PHE C 448 -17.46 -0.47 -17.17
CA PHE C 448 -18.18 -1.07 -18.29
C PHE C 448 -19.17 -2.14 -17.81
N THR C 449 -18.79 -2.91 -16.79
CA THR C 449 -19.69 -3.94 -16.27
C THR C 449 -20.94 -3.33 -15.66
N MET C 450 -20.80 -2.21 -14.96
CA MET C 450 -21.93 -1.54 -14.33
C MET C 450 -22.55 -0.48 -15.22
N PHE C 451 -22.07 -0.33 -16.45
CA PHE C 451 -22.64 0.66 -17.36
C PHE C 451 -24.05 0.28 -17.76
N ASP C 452 -24.92 1.30 -17.82
CA ASP C 452 -26.36 1.20 -18.12
C ASP C 452 -26.96 -0.21 -18.14
N TRP C 471 -16.69 -17.07 -22.45
CA TRP C 471 -16.53 -15.62 -22.43
C TRP C 471 -16.06 -15.13 -21.07
N LEU C 472 -15.54 -16.06 -20.26
CA LEU C 472 -15.05 -15.68 -18.93
C LEU C 472 -13.87 -14.72 -19.03
N TRP C 473 -12.93 -14.99 -19.93
CA TRP C 473 -11.80 -14.10 -20.13
C TRP C 473 -12.12 -12.92 -21.04
N ALA C 474 -13.24 -12.99 -21.77
CA ALA C 474 -13.62 -11.88 -22.65
C ALA C 474 -14.00 -10.65 -21.84
N LYS C 475 -14.69 -10.83 -20.72
CA LYS C 475 -15.12 -9.72 -19.88
C LYS C 475 -14.09 -9.36 -18.82
N GLN C 476 -12.94 -10.02 -18.80
CA GLN C 476 -11.91 -9.77 -17.79
C GLN C 476 -10.59 -9.30 -18.35
N PHE C 477 -10.14 -9.87 -19.48
CA PHE C 477 -8.81 -9.59 -20.00
C PHE C 477 -8.80 -8.96 -21.38
N LEU C 478 -9.90 -9.03 -22.13
CA LEU C 478 -9.93 -8.42 -23.46
C LEU C 478 -9.77 -6.91 -23.37
N ILE C 479 -10.38 -6.28 -22.36
CA ILE C 479 -10.23 -4.84 -22.19
C ILE C 479 -8.78 -4.47 -21.92
N THR C 480 -8.11 -5.24 -21.06
CA THR C 480 -6.70 -4.98 -20.78
C THR C 480 -5.84 -5.17 -22.03
N TYR C 481 -6.12 -6.21 -22.81
CA TYR C 481 -5.38 -6.42 -24.05
C TYR C 481 -5.57 -5.28 -25.02
N MET C 482 -6.81 -4.80 -25.17
CA MET C 482 -7.08 -3.68 -26.06
C MET C 482 -6.39 -2.41 -25.56
N TRP C 483 -6.38 -2.18 -24.25
CA TRP C 483 -5.69 -1.02 -23.71
C TRP C 483 -4.19 -1.09 -23.98
N TRP C 484 -3.59 -2.27 -23.79
CA TRP C 484 -2.17 -2.43 -24.07
C TRP C 484 -1.87 -2.21 -25.55
N ALA C 485 -2.73 -2.76 -26.43
CA ALA C 485 -2.53 -2.56 -27.86
C ALA C 485 -2.64 -1.09 -28.24
N GLY C 486 -3.61 -0.38 -27.66
CA GLY C 486 -3.74 1.04 -27.93
C GLY C 486 -2.55 1.85 -27.45
N VAL C 487 -2.02 1.51 -26.27
CA VAL C 487 -0.84 2.19 -25.75
C VAL C 487 0.35 1.94 -26.67
N LEU C 488 0.53 0.70 -27.11
CA LEU C 488 1.64 0.38 -28.01
C LEU C 488 1.50 1.11 -29.33
N ALA C 489 0.27 1.17 -29.88
CA ALA C 489 0.06 1.88 -31.13
C ALA C 489 0.33 3.37 -30.99
N ALA C 490 -0.10 3.97 -29.86
CA ALA C 490 0.17 5.38 -29.62
C ALA C 490 1.67 5.64 -29.51
N GLY C 491 2.39 4.77 -28.81
CA GLY C 491 3.83 4.93 -28.71
C GLY C 491 4.53 4.81 -30.06
N VAL C 492 4.11 3.83 -30.87
CA VAL C 492 4.69 3.65 -32.19
C VAL C 492 4.43 4.88 -33.06
N TYR C 493 3.19 5.40 -33.02
CA TYR C 493 2.87 6.60 -33.78
C TYR C 493 3.70 7.80 -33.32
N SER C 494 3.88 7.94 -32.00
CA SER C 494 4.69 9.04 -31.48
C SER C 494 6.13 8.94 -31.94
N ILE C 495 6.70 7.73 -31.92
CA ILE C 495 8.08 7.55 -32.37
C ILE C 495 8.20 7.83 -33.86
N VAL C 496 7.26 7.32 -34.66
CA VAL C 496 7.32 7.51 -36.11
C VAL C 496 7.14 8.98 -36.47
N ASP C 497 6.18 9.66 -35.84
CA ASP C 497 5.90 11.04 -36.18
C ASP C 497 7.09 11.95 -35.84
N ASN C 498 7.76 11.69 -34.72
CA ASN C 498 8.89 12.51 -34.27
C ASN C 498 10.22 11.84 -34.54
N TRP C 499 10.35 11.14 -35.67
CA TRP C 499 11.59 10.45 -36.03
C TRP C 499 12.46 11.44 -36.78
N TYR C 500 13.39 12.07 -36.07
CA TYR C 500 14.34 13.01 -36.67
C TYR C 500 15.45 13.29 -35.66
N PHE C 501 16.57 13.78 -36.17
CA PHE C 501 17.71 14.15 -35.34
C PHE C 501 18.19 15.53 -35.76
N ASP C 502 18.32 16.43 -34.77
CA ASP C 502 18.78 17.80 -35.05
C ASP C 502 19.51 18.29 -33.80
N TRP C 503 20.84 18.21 -33.83
CA TRP C 503 21.65 18.63 -32.70
C TRP C 503 21.92 20.14 -32.69
N ALA C 504 21.43 20.88 -33.67
CA ALA C 504 21.58 22.33 -33.71
C ALA C 504 20.49 23.07 -32.96
N ASP C 505 19.51 22.35 -32.41
CA ASP C 505 18.41 22.95 -31.67
C ASP C 505 18.53 22.59 -30.19
N ILE C 506 18.47 23.60 -29.33
CA ILE C 506 18.61 23.36 -27.89
C ILE C 506 17.41 22.59 -27.35
N GLN C 507 16.22 22.88 -27.85
CA GLN C 507 15.02 22.22 -27.35
C GLN C 507 15.06 20.72 -27.62
N TYR C 508 15.45 20.33 -28.84
CA TYR C 508 15.60 18.91 -29.14
C TYR C 508 16.68 18.28 -28.28
N ARG C 509 17.80 18.98 -28.09
CA ARG C 509 18.86 18.47 -27.23
C ARG C 509 18.37 18.30 -25.80
N PHE C 510 17.61 19.27 -25.29
CA PHE C 510 17.09 19.17 -23.93
C PHE C 510 16.13 17.99 -23.80
N ALA C 511 15.24 17.82 -24.78
CA ALA C 511 14.31 16.70 -24.73
C ALA C 511 15.03 15.36 -24.77
N LEU C 512 16.03 15.24 -25.66
CA LEU C 512 16.79 13.99 -25.75
C LEU C 512 17.55 13.71 -24.47
N VAL C 513 18.15 14.76 -23.87
CA VAL C 513 18.88 14.58 -22.62
C VAL C 513 17.93 14.14 -21.51
N GLY C 514 16.74 14.75 -21.43
CA GLY C 514 15.79 14.34 -20.42
C GLY C 514 15.32 12.91 -20.59
N ILE C 515 15.03 12.51 -21.84
CA ILE C 515 14.61 11.13 -22.09
C ILE C 515 15.73 10.16 -21.72
N CYS C 516 16.96 10.47 -22.13
CA CYS C 516 18.08 9.60 -21.80
C CYS C 516 18.28 9.48 -20.30
N SER C 517 18.16 10.60 -19.58
CA SER C 517 18.30 10.56 -18.13
C SER C 517 17.20 9.73 -17.48
N TYR C 518 15.96 9.86 -17.98
CA TYR C 518 14.86 9.08 -17.42
C TYR C 518 15.09 7.59 -17.63
N LEU C 519 15.48 7.20 -18.85
CA LEU C 519 15.74 5.79 -19.11
C LEU C 519 16.93 5.29 -18.30
N VAL C 520 17.96 6.11 -18.13
CA VAL C 520 19.12 5.70 -17.33
C VAL C 520 18.71 5.49 -15.88
N PHE C 521 17.90 6.39 -15.33
CA PHE C 521 17.43 6.23 -13.96
C PHE C 521 16.58 4.97 -13.81
N VAL C 522 15.70 4.70 -14.78
CA VAL C 522 14.89 3.49 -14.73
C VAL C 522 15.76 2.25 -14.77
N SER C 523 16.77 2.24 -15.64
CA SER C 523 17.68 1.10 -15.73
C SER C 523 18.46 0.90 -14.44
N ILE C 524 18.91 2.00 -13.84
CA ILE C 524 19.65 1.91 -12.58
C ILE C 524 18.76 1.33 -11.48
N VAL C 525 17.50 1.78 -11.41
CA VAL C 525 16.59 1.24 -10.41
C VAL C 525 16.35 -0.24 -10.63
N LEU C 526 16.16 -0.64 -11.90
CA LEU C 526 15.94 -2.05 -12.20
C LEU C 526 17.16 -2.89 -11.82
N VAL C 527 18.36 -2.39 -12.13
CA VAL C 527 19.58 -3.12 -11.79
C VAL C 527 19.75 -3.23 -10.29
N ILE C 528 19.43 -2.16 -9.56
CA ILE C 528 19.52 -2.20 -8.09
C ILE C 528 18.56 -3.23 -7.53
N TYR C 529 17.32 -3.27 -8.05
CA TYR C 529 16.37 -4.28 -7.58
C TYR C 529 16.87 -5.69 -7.91
N LEU C 530 17.42 -5.88 -9.12
CA LEU C 530 17.87 -7.20 -9.52
C LEU C 530 19.02 -7.69 -8.65
N ILE C 531 19.99 -6.82 -8.38
CA ILE C 531 21.11 -7.24 -7.53
C ILE C 531 20.67 -7.41 -6.09
N GLY C 532 19.65 -6.66 -5.66
CA GLY C 532 19.14 -6.85 -4.31
C GLY C 532 18.49 -8.21 -4.12
N LYS C 533 17.80 -8.71 -5.15
CA LYS C 533 17.17 -10.02 -5.06
C LYS C 533 18.21 -11.13 -4.91
N ILE C 534 19.32 -11.03 -5.65
CA ILE C 534 20.36 -12.07 -5.56
C ILE C 534 20.98 -12.08 -4.17
N THR C 535 21.27 -10.90 -3.63
CA THR C 535 21.84 -10.78 -2.29
C THR C 535 20.81 -11.03 -1.19
N THR C 536 19.52 -11.17 -1.54
CA THR C 536 18.42 -11.37 -0.60
C THR C 536 18.30 -10.23 0.40
N TRP C 537 18.83 -9.05 0.07
CA TRP C 537 18.68 -7.89 0.93
C TRP C 537 17.24 -7.40 0.98
N ASN C 538 16.54 -7.45 -0.16
CA ASN C 538 15.16 -6.98 -0.22
C ASN C 538 14.20 -7.88 0.54
N TYR C 539 14.63 -9.08 0.90
CA TYR C 539 13.75 -10.00 1.62
C TYR C 539 13.45 -9.48 3.02
N THR C 540 12.19 -9.57 3.41
CA THR C 540 11.80 -9.17 4.75
C THR C 540 12.41 -10.12 5.78
N PRO C 541 12.92 -9.59 6.90
CA PRO C 541 13.44 -10.49 7.95
C PRO C 541 12.42 -11.48 8.46
N LEU C 542 11.14 -11.10 8.51
CA LEU C 542 10.09 -12.06 8.86
C LEU C 542 9.96 -13.15 7.80
N GLN C 543 10.13 -12.78 6.53
CA GLN C 543 10.01 -13.76 5.45
C GLN C 543 11.12 -14.80 5.52
N LYS C 544 12.35 -14.38 5.88
CA LYS C 544 13.47 -15.31 5.91
C LYS C 544 13.25 -16.43 6.91
N GLU C 545 12.81 -16.09 8.13
CA GLU C 545 12.57 -17.11 9.14
C GLU C 545 11.38 -17.98 8.77
N LEU C 546 10.35 -17.40 8.14
CA LEU C 546 9.24 -18.20 7.66
C LEU C 546 9.68 -19.19 6.59
N ILE C 547 10.55 -18.74 5.67
CA ILE C 547 11.07 -19.64 4.64
C ILE C 547 11.89 -20.75 5.28
N GLU C 548 12.73 -20.42 6.27
CA GLU C 548 13.52 -21.44 6.93
C GLU C 548 12.63 -22.45 7.65
N GLU C 549 11.59 -21.97 8.34
CA GLU C 549 10.67 -22.87 9.04
C GLU C 549 9.92 -23.77 8.07
N ARG C 550 9.50 -23.22 6.92
CA ARG C 550 8.85 -24.04 5.90
C ARG C 550 9.81 -25.09 5.35
N TYR C 551 11.07 -24.72 5.16
CA TYR C 551 12.07 -25.69 4.70
C TYR C 551 12.26 -26.79 5.73
N LEU C 552 12.28 -26.45 7.02
CA LEU C 552 12.42 -27.45 8.07
C LEU C 552 11.18 -28.34 8.20
N HIS C 553 10.06 -27.96 7.59
CA HIS C 553 8.82 -28.74 7.63
C HIS C 553 8.36 -28.97 9.07
#